data_9DQA
#
_entry.id   9DQA
#
_cell.length_a   175.810
_cell.length_b   175.810
_cell.length_c   86.460
_cell.angle_alpha   90.000
_cell.angle_beta   90.000
_cell.angle_gamma   120.000
#
_symmetry.space_group_name_H-M   'P 65'
#
loop_
_entity.id
_entity.type
_entity.pdbx_description
1 polymer 'Retinoid isomerohydrolase'
2 non-polymer 'FE (II) ION'
3 non-polymer 'PALMITIC ACID'
4 non-polymer '3-[(1R)-3-amino-1-hydroxypropyl]phenyl 2-ethylbutanoate'
5 water water
#
_entity_poly.entity_id   1
_entity_poly.type   'polypeptide(L)'
_entity_poly.pdbx_seq_one_letter_code
;MSSQVEHPAGGYKKLFETVEELSSPLTAHVTGRIPLWLTGSLLRCGPGLFEVGSEPFYHLFDGQALLHKFDFKEGHVTYH
RRFIRTDAYVRAMTEKRIVITEFGTCAFPDPCKNIFSRFFSYFRGVEVTDNALVNIYPVGEDYYACTETNFITKVNPETL
ETIKQVDLCNYVSVNGATAHPHIENDGTVYNIGNCFGKNFSIAYNIVKIPPLQADKEDPISKSEIVVQFPCSDRFKPSYV
HSFGLTPNYIVFVETPVKINLFKFLSSWSLWGANYMDCFESNETMGVWLHIADKKRKKYINNKYRTSPFNLFHHINTYED
HEFLIVDLCCWKGFEFVYNYLYLANLRENWEEVKKNARKAPQPEVRRYVLPLNIDKADTGKNLVTLPNTTATAILCSDET
IWLEPEVLFSGPRQAFEFPQINYQKYGGKPYTYAYGLGLNHFVPDRLCKLNVKTKETWVWQEPDSYPSEPIFVSHPDALE
EDDGVVLSVVVSPGAGQKPAYLLILNAKDLSEVARAEVEINIPVTFHGLFKKS
;
_entity_poly.pdbx_strand_id   A,B
#
loop_
_chem_comp.id
_chem_comp.type
_chem_comp.name
_chem_comp.formula
A1BEO non-polymer '3-[(1R)-3-amino-1-hydroxypropyl]phenyl 2-ethylbutanoate' 'C15 H23 N O3'
FE2 non-polymer 'FE (II) ION' 'Fe 2'
PLM non-polymer 'PALMITIC ACID' 'C16 H32 O2'
#
# COMPACT_ATOMS: atom_id res chain seq x y z
N SER A 3 -15.87 11.57 8.08
CA SER A 3 -16.49 12.35 6.98
C SER A 3 -17.10 11.41 5.94
N GLN A 4 -17.88 10.43 6.41
CA GLN A 4 -18.66 9.55 5.55
C GLN A 4 -19.84 10.34 4.96
N VAL A 5 -19.95 10.33 3.62
CA VAL A 5 -21.10 10.92 2.95
C VAL A 5 -22.22 9.88 2.91
N GLU A 6 -23.44 10.32 3.26
CA GLU A 6 -24.58 9.43 3.38
C GLU A 6 -25.60 9.76 2.29
N HIS A 7 -26.40 8.75 1.91
CA HIS A 7 -27.42 8.91 0.88
C HIS A 7 -28.74 8.31 1.35
N PRO A 8 -29.30 8.75 2.50
CA PRO A 8 -30.52 8.16 3.04
C PRO A 8 -31.75 8.31 2.14
N ALA A 9 -31.80 9.38 1.35
CA ALA A 9 -32.94 9.66 0.49
C ALA A 9 -33.04 8.64 -0.66
N GLY A 10 -31.93 7.97 -0.98
CA GLY A 10 -31.95 6.77 -1.82
C GLY A 10 -32.14 7.09 -3.30
N GLY A 11 -31.71 8.28 -3.73
CA GLY A 11 -31.89 8.75 -5.10
C GLY A 11 -31.16 7.89 -6.13
N TYR A 12 -30.10 7.20 -5.69
CA TYR A 12 -29.27 6.37 -6.56
C TYR A 12 -30.09 5.26 -7.21
N LYS A 13 -31.28 4.96 -6.67
CA LYS A 13 -32.16 3.95 -7.24
C LYS A 13 -32.59 4.30 -8.66
N LYS A 14 -32.61 5.60 -9.00
CA LYS A 14 -32.99 6.07 -10.32
C LYS A 14 -31.99 5.66 -11.40
N LEU A 15 -30.75 5.33 -10.99
CA LEU A 15 -29.74 4.80 -11.90
C LEU A 15 -30.20 3.48 -12.50
N PHE A 16 -31.08 2.75 -11.79
CA PHE A 16 -31.43 1.39 -12.13
C PHE A 16 -32.92 1.28 -12.47
N GLU A 17 -33.49 2.36 -13.03
CA GLU A 17 -34.90 2.42 -13.35
C GLU A 17 -35.07 2.60 -14.87
N THR A 18 -35.99 1.82 -15.45
CA THR A 18 -36.23 1.83 -16.88
C THR A 18 -36.62 3.23 -17.34
N VAL A 19 -36.23 3.57 -18.58
CA VAL A 19 -36.61 4.80 -19.23
C VAL A 19 -37.09 4.46 -20.64
N GLU A 20 -37.72 5.44 -21.29
CA GLU A 20 -38.13 5.33 -22.68
C GLU A 20 -37.14 6.11 -23.55
N GLU A 21 -36.88 5.59 -24.76
CA GLU A 21 -36.07 6.31 -25.72
C GLU A 21 -36.83 7.53 -26.24
N LEU A 22 -36.09 8.45 -26.85
CA LEU A 22 -36.68 9.64 -27.47
C LEU A 22 -36.84 9.39 -28.97
N SER A 23 -37.77 10.12 -29.58
CA SER A 23 -37.96 10.08 -31.03
C SER A 23 -36.95 11.01 -31.70
N SER A 24 -36.66 12.15 -31.07
CA SER A 24 -35.67 13.08 -31.58
C SER A 24 -35.04 13.84 -30.41
N PRO A 25 -33.89 14.53 -30.62
CA PRO A 25 -33.18 15.20 -29.52
C PRO A 25 -33.95 16.32 -28.81
N LEU A 26 -33.73 16.42 -27.49
CA LEU A 26 -34.25 17.51 -26.68
C LEU A 26 -33.18 18.61 -26.57
N THR A 27 -33.63 19.87 -26.44
CA THR A 27 -32.75 20.95 -26.04
C THR A 27 -32.60 20.89 -24.52
N ALA A 28 -31.37 21.16 -24.04
CA ALA A 28 -31.07 21.14 -22.62
C ALA A 28 -30.86 22.56 -22.13
N HIS A 29 -31.39 22.86 -20.93
CA HIS A 29 -31.24 24.19 -20.36
C HIS A 29 -29.84 24.34 -19.78
N VAL A 30 -29.07 25.27 -20.37
CA VAL A 30 -27.71 25.52 -19.96
C VAL A 30 -27.70 26.51 -18.79
N THR A 31 -26.94 26.15 -17.73
CA THR A 31 -26.54 27.08 -16.69
CA THR A 31 -26.55 27.10 -16.71
C THR A 31 -25.03 27.17 -16.71
N GLY A 32 -24.49 28.35 -16.35
CA GLY A 32 -23.08 28.63 -16.56
C GLY A 32 -22.79 28.85 -18.04
N ARG A 33 -21.58 28.52 -18.49
CA ARG A 33 -21.15 28.78 -19.85
C ARG A 33 -20.46 27.55 -20.44
N ILE A 34 -21.08 26.96 -21.47
CA ILE A 34 -20.46 25.88 -22.22
C ILE A 34 -19.30 26.46 -23.02
N PRO A 35 -18.06 25.94 -22.90
CA PRO A 35 -16.94 26.43 -23.71
C PRO A 35 -17.25 26.39 -25.20
N LEU A 36 -16.89 27.45 -25.92
CA LEU A 36 -17.27 27.60 -27.32
C LEU A 36 -16.40 26.72 -28.22
N TRP A 37 -15.25 26.25 -27.70
CA TRP A 37 -14.41 25.33 -28.45
C TRP A 37 -14.92 23.89 -28.35
N LEU A 38 -15.87 23.64 -27.43
CA LEU A 38 -16.41 22.30 -27.24
C LEU A 38 -17.46 22.03 -28.31
N THR A 39 -17.06 21.28 -29.34
CA THR A 39 -17.92 20.97 -30.48
C THR A 39 -17.81 19.48 -30.76
N GLY A 40 -18.94 18.76 -30.65
CA GLY A 40 -18.95 17.33 -30.89
C GLY A 40 -20.03 16.63 -30.07
N SER A 41 -19.87 15.31 -29.92
CA SER A 41 -20.89 14.45 -29.33
C SER A 41 -20.26 13.61 -28.22
N LEU A 42 -20.85 13.70 -27.02
CA LEU A 42 -20.57 12.75 -25.96
C LEU A 42 -21.48 11.54 -26.16
N LEU A 43 -20.90 10.40 -26.54
CA LEU A 43 -21.63 9.16 -26.74
C LEU A 43 -21.33 8.21 -25.58
N ARG A 44 -22.39 7.64 -24.98
CA ARG A 44 -22.23 6.78 -23.81
C ARG A 44 -23.25 5.63 -23.88
N CYS A 45 -22.85 4.48 -23.32
CA CYS A 45 -23.69 3.29 -23.31
C CYS A 45 -24.00 2.87 -21.88
N GLY A 46 -25.20 2.31 -21.70
CA GLY A 46 -25.64 1.78 -20.41
C GLY A 46 -26.95 1.02 -20.55
N PRO A 47 -27.38 0.29 -19.50
CA PRO A 47 -28.69 -0.36 -19.51
C PRO A 47 -29.78 0.69 -19.41
N GLY A 48 -30.90 0.46 -20.11
CA GLY A 48 -32.03 1.37 -20.14
C GLY A 48 -33.35 0.69 -19.83
N LEU A 49 -33.40 -0.63 -20.02
CA LEU A 49 -34.61 -1.43 -19.79
C LEU A 49 -34.27 -2.58 -18.85
N PHE A 50 -34.79 -2.52 -17.62
CA PHE A 50 -34.36 -3.43 -16.56
C PHE A 50 -35.37 -4.54 -16.34
N GLU A 51 -36.43 -4.57 -17.17
CA GLU A 51 -37.37 -5.68 -17.16
C GLU A 51 -38.11 -5.71 -18.50
N VAL A 52 -38.48 -6.92 -18.93
CA VAL A 52 -39.31 -7.12 -20.11
C VAL A 52 -40.69 -7.55 -19.65
N GLY A 53 -41.59 -6.57 -19.51
CA GLY A 53 -42.91 -6.80 -18.95
C GLY A 53 -42.80 -7.09 -17.45
N SER A 54 -43.14 -8.33 -17.08
CA SER A 54 -43.11 -8.76 -15.69
C SER A 54 -41.89 -9.64 -15.42
N GLU A 55 -41.07 -9.90 -16.44
CA GLU A 55 -39.84 -10.64 -16.29
C GLU A 55 -38.69 -9.68 -15.98
N PRO A 56 -38.06 -9.75 -14.79
CA PRO A 56 -36.98 -8.82 -14.44
C PRO A 56 -35.60 -9.27 -14.89
N PHE A 57 -34.72 -8.30 -15.15
CA PHE A 57 -33.29 -8.54 -15.20
C PHE A 57 -32.74 -8.43 -13.77
N TYR A 58 -31.77 -9.28 -13.43
CA TYR A 58 -31.30 -9.40 -12.05
C TYR A 58 -30.00 -8.61 -11.82
N HIS A 59 -29.11 -8.55 -12.83
CA HIS A 59 -27.77 -8.01 -12.62
C HIS A 59 -27.63 -6.65 -13.29
N LEU A 60 -26.66 -5.86 -12.80
CA LEU A 60 -26.35 -4.54 -13.31
C LEU A 60 -26.02 -4.58 -14.81
N PHE A 61 -25.47 -5.70 -15.29
CA PHE A 61 -24.99 -5.79 -16.66
C PHE A 61 -25.97 -6.57 -17.55
N ASP A 62 -27.27 -6.55 -17.18
CA ASP A 62 -28.29 -7.33 -17.87
C ASP A 62 -29.22 -6.44 -18.68
N GLY A 63 -29.50 -5.22 -18.17
CA GLY A 63 -30.43 -4.31 -18.81
C GLY A 63 -30.06 -4.03 -20.27
N GLN A 64 -31.06 -3.71 -21.09
CA GLN A 64 -30.89 -3.65 -22.53
C GLN A 64 -30.18 -2.35 -22.91
N ALA A 65 -29.21 -2.47 -23.83
CA ALA A 65 -28.31 -1.40 -24.19
C ALA A 65 -29.08 -0.17 -24.68
N LEU A 66 -28.74 0.97 -24.08
CA LEU A 66 -29.27 2.27 -24.45
C LEU A 66 -28.10 3.17 -24.81
N LEU A 67 -28.17 3.76 -26.02
CA LEU A 67 -27.13 4.64 -26.54
C LEU A 67 -27.56 6.08 -26.31
N HIS A 68 -26.70 6.86 -25.62
CA HIS A 68 -26.98 8.23 -25.25
C HIS A 68 -26.06 9.17 -26.04
N LYS A 69 -26.51 10.41 -26.24
CA LYS A 69 -25.73 11.40 -26.95
C LYS A 69 -26.07 12.80 -26.44
N PHE A 70 -25.04 13.52 -26.00
CA PHE A 70 -25.11 14.96 -25.79
C PHE A 70 -24.31 15.64 -26.90
N ASP A 71 -24.97 16.55 -27.64
CA ASP A 71 -24.32 17.30 -28.70
C ASP A 71 -24.00 18.70 -28.19
N PHE A 72 -22.79 19.17 -28.54
CA PHE A 72 -22.32 20.50 -28.15
C PHE A 72 -22.02 21.30 -29.42
N LYS A 73 -22.58 22.51 -29.48
CA LYS A 73 -22.38 23.40 -30.62
C LYS A 73 -22.70 24.82 -30.20
N GLU A 74 -21.70 25.72 -30.32
CA GLU A 74 -21.87 27.15 -30.11
C GLU A 74 -22.51 27.44 -28.75
N GLY A 75 -22.17 26.63 -27.74
CA GLY A 75 -22.59 26.89 -26.37
C GLY A 75 -23.98 26.33 -26.04
N HIS A 76 -24.56 25.55 -26.96
CA HIS A 76 -25.88 24.97 -26.78
C HIS A 76 -25.75 23.45 -26.77
N VAL A 77 -26.69 22.78 -26.09
CA VAL A 77 -26.60 21.34 -25.84
C VAL A 77 -27.93 20.67 -26.15
N THR A 78 -27.88 19.54 -26.86
CA THR A 78 -29.04 18.68 -27.03
C THR A 78 -28.75 17.32 -26.40
N TYR A 79 -29.81 16.59 -26.07
CA TYR A 79 -29.73 15.24 -25.54
C TYR A 79 -30.62 14.32 -26.37
N HIS A 80 -30.13 13.11 -26.63
CA HIS A 80 -30.88 12.13 -27.39
C HIS A 80 -30.50 10.74 -26.90
N ARG A 81 -31.43 9.78 -26.98
CA ARG A 81 -31.14 8.40 -26.65
C ARG A 81 -32.01 7.46 -27.47
N ARG A 82 -31.45 6.31 -27.82
CA ARG A 82 -32.12 5.25 -28.56
C ARG A 82 -31.63 3.91 -28.07
N PHE A 83 -32.55 2.97 -27.84
CA PHE A 83 -32.19 1.59 -27.56
C PHE A 83 -31.48 1.03 -28.78
N ILE A 84 -30.44 0.23 -28.55
CA ILE A 84 -29.72 -0.43 -29.62
C ILE A 84 -30.55 -1.64 -30.05
N ARG A 85 -30.82 -1.75 -31.35
CA ARG A 85 -31.62 -2.84 -31.89
C ARG A 85 -30.74 -4.08 -32.05
N THR A 86 -30.38 -4.69 -30.92
CA THR A 86 -29.65 -5.94 -30.90
C THR A 86 -30.64 -7.09 -31.11
N ASP A 87 -30.11 -8.30 -31.34
CA ASP A 87 -30.92 -9.50 -31.34
C ASP A 87 -31.65 -9.62 -30.00
N ALA A 88 -30.94 -9.33 -28.91
CA ALA A 88 -31.49 -9.48 -27.57
C ALA A 88 -32.69 -8.56 -27.39
N TYR A 89 -32.58 -7.32 -27.87
CA TYR A 89 -33.62 -6.32 -27.70
C TYR A 89 -34.79 -6.60 -28.65
N VAL A 90 -34.47 -6.84 -29.93
CA VAL A 90 -35.46 -7.02 -30.97
C VAL A 90 -36.34 -8.22 -30.65
N ARG A 91 -35.70 -9.34 -30.30
CA ARG A 91 -36.42 -10.57 -30.00
C ARG A 91 -37.23 -10.41 -28.72
N ALA A 92 -36.73 -9.61 -27.78
CA ALA A 92 -37.45 -9.33 -26.54
C ALA A 92 -38.73 -8.54 -26.85
N MET A 93 -38.63 -7.56 -27.75
CA MET A 93 -39.78 -6.74 -28.11
C MET A 93 -40.78 -7.57 -28.93
N THR A 94 -40.26 -8.52 -29.70
CA THR A 94 -41.08 -9.38 -30.54
C THR A 94 -41.89 -10.34 -29.67
N GLU A 95 -41.19 -11.09 -28.79
CA GLU A 95 -41.82 -12.17 -28.04
C GLU A 95 -42.38 -11.67 -26.70
N LYS A 96 -42.10 -10.40 -26.36
CA LYS A 96 -42.59 -9.79 -25.14
C LYS A 96 -42.11 -10.58 -23.92
N ARG A 97 -40.83 -10.98 -23.93
CA ARG A 97 -40.22 -11.69 -22.81
C ARG A 97 -38.70 -11.66 -22.98
N ILE A 98 -37.98 -12.21 -22.00
CA ILE A 98 -36.53 -12.32 -22.08
C ILE A 98 -36.19 -13.56 -22.92
N VAL A 99 -35.55 -13.34 -24.08
CA VAL A 99 -35.28 -14.40 -25.03
C VAL A 99 -33.84 -14.88 -24.91
N ILE A 100 -32.89 -13.93 -24.83
CA ILE A 100 -31.47 -14.25 -24.75
C ILE A 100 -31.02 -14.16 -23.29
N THR A 101 -30.26 -15.15 -22.85
CA THR A 101 -29.65 -15.14 -21.52
C THR A 101 -28.67 -13.97 -21.43
N GLU A 102 -28.82 -13.16 -20.38
CA GLU A 102 -27.89 -12.07 -20.11
C GLU A 102 -26.92 -12.49 -19.02
N PHE A 103 -25.97 -11.60 -18.69
CA PHE A 103 -24.87 -11.91 -17.78
C PHE A 103 -25.38 -12.65 -16.55
N GLY A 104 -26.39 -12.07 -15.88
CA GLY A 104 -26.90 -12.62 -14.63
C GLY A 104 -28.41 -12.90 -14.66
N THR A 105 -28.98 -13.11 -15.86
CA THR A 105 -30.39 -13.46 -16.00
C THR A 105 -30.54 -14.55 -17.05
N CYS A 106 -30.90 -15.76 -16.62
N CYS A 106 -30.90 -15.76 -16.62
CA CYS A 106 -31.18 -16.85 -17.54
CA CYS A 106 -31.19 -16.86 -17.52
C CYS A 106 -32.52 -16.62 -18.22
C CYS A 106 -32.52 -16.61 -18.22
N ALA A 107 -32.58 -16.91 -19.53
CA ALA A 107 -33.81 -16.86 -20.29
C ALA A 107 -34.47 -18.24 -20.26
N PHE A 108 -35.77 -18.27 -19.97
CA PHE A 108 -36.52 -19.50 -19.88
C PHE A 108 -37.48 -19.60 -21.07
N GLU A 127 -27.00 -19.39 -27.89
CA GLU A 127 -27.33 -18.00 -28.32
C GLU A 127 -26.67 -17.01 -27.37
N VAL A 128 -25.50 -16.51 -27.76
CA VAL A 128 -24.71 -15.59 -26.96
C VAL A 128 -25.28 -14.17 -27.10
N THR A 129 -25.31 -13.42 -25.99
CA THR A 129 -25.89 -12.09 -25.96
C THR A 129 -25.05 -11.13 -26.80
N ASP A 130 -25.74 -10.18 -27.43
CA ASP A 130 -25.13 -9.06 -28.13
C ASP A 130 -25.61 -7.75 -27.51
N ASN A 131 -26.08 -7.83 -26.26
CA ASN A 131 -26.52 -6.66 -25.51
C ASN A 131 -25.32 -5.74 -25.27
N ALA A 132 -25.17 -4.74 -26.15
CA ALA A 132 -23.97 -3.91 -26.20
C ALA A 132 -24.11 -2.69 -25.29
N LEU A 133 -24.15 -2.93 -23.98
CA LEU A 133 -24.51 -1.90 -23.02
C LEU A 133 -23.28 -1.23 -22.38
N VAL A 134 -22.07 -1.64 -22.78
CA VAL A 134 -20.87 -1.33 -22.00
C VAL A 134 -20.14 -0.11 -22.57
N ASN A 135 -19.82 -0.13 -23.87
CA ASN A 135 -18.95 0.89 -24.44
C ASN A 135 -19.23 1.05 -25.93
N ILE A 136 -18.62 2.10 -26.51
CA ILE A 136 -18.66 2.36 -27.94
C ILE A 136 -17.27 2.86 -28.36
N TYR A 137 -16.79 2.41 -29.52
CA TYR A 137 -15.46 2.79 -29.98
C TYR A 137 -15.39 2.82 -31.50
N PRO A 138 -14.49 3.65 -32.08
CA PRO A 138 -14.31 3.74 -33.53
C PRO A 138 -13.45 2.64 -34.13
N VAL A 139 -13.89 2.15 -35.30
CA VAL A 139 -13.10 1.29 -36.15
C VAL A 139 -13.22 1.84 -37.58
N GLY A 140 -12.09 2.24 -38.16
CA GLY A 140 -12.11 2.98 -39.42
C GLY A 140 -12.96 4.24 -39.26
N GLU A 141 -13.97 4.39 -40.13
CA GLU A 141 -14.88 5.54 -40.08
C GLU A 141 -16.17 5.17 -39.36
N ASP A 142 -16.24 3.95 -38.80
CA ASP A 142 -17.45 3.44 -38.17
C ASP A 142 -17.32 3.48 -36.66
N TYR A 143 -18.47 3.32 -35.98
CA TYR A 143 -18.52 3.23 -34.52
C TYR A 143 -19.28 1.97 -34.13
N TYR A 144 -18.75 1.27 -33.11
CA TYR A 144 -19.30 0.01 -32.66
C TYR A 144 -19.59 0.10 -31.16
N ALA A 145 -20.85 -0.16 -30.79
CA ALA A 145 -21.20 -0.46 -29.41
C ALA A 145 -20.81 -1.90 -29.13
N CYS A 146 -20.49 -2.21 -27.87
CA CYS A 146 -20.02 -3.54 -27.52
C CYS A 146 -20.43 -3.91 -26.10
N THR A 147 -20.42 -5.23 -25.86
CA THR A 147 -20.32 -5.80 -24.53
C THR A 147 -18.98 -6.55 -24.50
N GLU A 148 -18.95 -7.80 -24.01
CA GLU A 148 -17.69 -8.53 -23.89
C GLU A 148 -17.77 -9.88 -24.60
N THR A 149 -18.67 -10.01 -25.57
CA THR A 149 -18.84 -11.25 -26.30
C THR A 149 -18.22 -11.10 -27.69
N ASN A 150 -18.53 -12.04 -28.58
CA ASN A 150 -18.03 -12.04 -29.95
C ASN A 150 -18.83 -11.08 -30.83
N PHE A 151 -19.97 -10.60 -30.34
CA PHE A 151 -20.86 -9.76 -31.12
C PHE A 151 -20.69 -8.29 -30.76
N ILE A 152 -20.38 -7.45 -31.77
CA ILE A 152 -20.39 -6.01 -31.61
C ILE A 152 -21.38 -5.41 -32.61
N THR A 153 -21.90 -4.22 -32.28
CA THR A 153 -23.02 -3.64 -33.03
C THR A 153 -22.58 -2.30 -33.62
N LYS A 154 -22.57 -2.23 -34.95
CA LYS A 154 -22.31 -0.98 -35.66
C LYS A 154 -23.49 -0.03 -35.45
N VAL A 155 -23.19 1.23 -35.12
CA VAL A 155 -24.22 2.21 -34.82
C VAL A 155 -23.89 3.52 -35.54
N ASN A 156 -24.93 4.31 -35.78
CA ASN A 156 -24.81 5.61 -36.42
C ASN A 156 -24.61 6.66 -35.32
N PRO A 157 -23.43 7.32 -35.25
CA PRO A 157 -23.16 8.25 -34.15
C PRO A 157 -23.97 9.55 -34.18
N GLU A 158 -24.66 9.81 -35.29
CA GLU A 158 -25.43 11.04 -35.46
C GLU A 158 -26.91 10.79 -35.15
N THR A 159 -27.46 9.68 -35.64
CA THR A 159 -28.89 9.40 -35.49
C THR A 159 -29.12 8.40 -34.35
N LEU A 160 -28.08 7.64 -33.99
CA LEU A 160 -28.13 6.62 -32.96
C LEU A 160 -28.90 5.40 -33.44
N GLU A 161 -29.02 5.25 -34.77
CA GLU A 161 -29.67 4.10 -35.37
C GLU A 161 -28.72 2.91 -35.34
N THR A 162 -29.29 1.70 -35.18
CA THR A 162 -28.51 0.47 -35.23
C THR A 162 -28.33 0.08 -36.69
N ILE A 163 -27.08 -0.21 -37.09
CA ILE A 163 -26.77 -0.45 -38.49
C ILE A 163 -26.66 -1.94 -38.74
N LYS A 164 -25.80 -2.64 -37.99
CA LYS A 164 -25.67 -4.08 -38.17
C LYS A 164 -24.94 -4.74 -37.01
N GLN A 165 -25.08 -6.08 -36.96
CA GLN A 165 -24.38 -6.93 -36.01
C GLN A 165 -23.15 -7.50 -36.71
N VAL A 166 -22.02 -7.52 -35.99
CA VAL A 166 -20.77 -8.09 -36.48
C VAL A 166 -20.33 -9.20 -35.53
N ASP A 167 -20.00 -10.37 -36.10
CA ASP A 167 -19.48 -11.48 -35.33
C ASP A 167 -17.98 -11.56 -35.55
N LEU A 168 -17.19 -11.33 -34.49
CA LEU A 168 -15.74 -11.28 -34.58
C LEU A 168 -15.17 -12.66 -34.91
N CYS A 169 -15.92 -13.72 -34.60
CA CYS A 169 -15.49 -15.08 -34.88
C CYS A 169 -15.43 -15.36 -36.38
N ASN A 170 -16.14 -14.54 -37.18
CA ASN A 170 -16.07 -14.63 -38.63
C ASN A 170 -14.72 -14.16 -39.15
N TYR A 171 -13.96 -13.41 -38.32
CA TYR A 171 -12.76 -12.74 -38.78
C TYR A 171 -11.51 -13.25 -38.05
N VAL A 172 -11.60 -13.52 -36.74
CA VAL A 172 -10.44 -13.88 -35.94
C VAL A 172 -10.81 -14.95 -34.93
N SER A 173 -9.79 -15.64 -34.43
CA SER A 173 -9.94 -16.74 -33.50
C SER A 173 -9.97 -16.23 -32.06
N VAL A 174 -11.15 -15.79 -31.61
CA VAL A 174 -11.40 -15.42 -30.23
C VAL A 174 -12.83 -15.81 -29.86
N ASN A 175 -13.05 -16.17 -28.60
CA ASN A 175 -14.37 -16.49 -28.10
C ASN A 175 -15.13 -15.21 -27.75
N GLY A 176 -14.39 -14.18 -27.34
CA GLY A 176 -14.94 -12.86 -27.10
C GLY A 176 -13.84 -11.80 -27.13
N ALA A 177 -14.21 -10.56 -26.84
CA ALA A 177 -13.23 -9.49 -26.73
C ALA A 177 -13.76 -8.44 -25.75
N THR A 178 -12.84 -7.68 -25.12
CA THR A 178 -13.22 -6.77 -24.06
C THR A 178 -13.95 -5.56 -24.66
N ALA A 179 -14.54 -4.77 -23.77
CA ALA A 179 -15.18 -3.52 -24.15
C ALA A 179 -14.20 -2.36 -24.03
N HIS A 180 -12.91 -2.67 -23.83
CA HIS A 180 -11.88 -1.67 -23.63
C HIS A 180 -10.73 -1.89 -24.61
N PRO A 181 -10.98 -1.81 -25.94
CA PRO A 181 -9.88 -1.85 -26.91
C PRO A 181 -9.04 -0.58 -26.74
N HIS A 182 -7.74 -0.71 -27.01
CA HIS A 182 -6.87 0.43 -27.15
C HIS A 182 -6.91 0.90 -28.59
N ILE A 183 -6.82 2.22 -28.77
CA ILE A 183 -6.91 2.83 -30.09
C ILE A 183 -5.73 3.79 -30.25
N GLU A 184 -4.80 3.44 -31.15
CA GLU A 184 -3.66 4.28 -31.48
C GLU A 184 -4.15 5.49 -32.27
N ASN A 185 -3.27 6.49 -32.41
CA ASN A 185 -3.64 7.76 -33.02
C ASN A 185 -3.96 7.59 -34.51
N ASP A 186 -3.34 6.61 -35.17
CA ASP A 186 -3.57 6.37 -36.59
C ASP A 186 -4.88 5.62 -36.82
N GLY A 187 -5.48 5.08 -35.74
CA GLY A 187 -6.77 4.42 -35.82
C GLY A 187 -6.67 2.90 -35.64
N THR A 188 -5.44 2.38 -35.50
CA THR A 188 -5.23 0.97 -35.21
C THR A 188 -5.91 0.63 -33.89
N VAL A 189 -6.62 -0.50 -33.87
CA VAL A 189 -7.35 -0.96 -32.69
C VAL A 189 -6.71 -2.26 -32.20
N TYR A 190 -6.43 -2.32 -30.90
CA TYR A 190 -5.96 -3.53 -30.26
C TYR A 190 -7.00 -3.97 -29.25
N ASN A 191 -7.19 -5.29 -29.12
CA ASN A 191 -8.09 -5.84 -28.13
C ASN A 191 -7.58 -7.22 -27.72
N ILE A 192 -8.13 -7.76 -26.63
CA ILE A 192 -7.76 -9.07 -26.12
C ILE A 192 -9.02 -9.89 -25.88
N GLY A 193 -8.89 -11.20 -26.02
CA GLY A 193 -9.98 -12.13 -25.75
C GLY A 193 -9.45 -13.55 -25.53
N ASN A 194 -10.20 -14.34 -24.77
CA ASN A 194 -9.84 -15.74 -24.55
C ASN A 194 -10.06 -16.53 -25.84
N CYS A 195 -9.26 -17.59 -26.03
CA CYS A 195 -9.29 -18.39 -27.24
C CYS A 195 -8.83 -19.81 -26.93
N PHE A 196 -8.81 -20.66 -27.96
CA PHE A 196 -8.24 -22.00 -27.87
C PHE A 196 -6.87 -21.97 -28.55
N GLY A 197 -5.82 -22.33 -27.81
CA GLY A 197 -4.47 -22.37 -28.34
C GLY A 197 -4.29 -23.52 -29.31
N SER A 201 -5.20 -26.34 -25.30
CA SER A 201 -5.17 -25.47 -24.09
C SER A 201 -5.87 -24.15 -24.39
N ILE A 202 -6.36 -23.51 -23.33
CA ILE A 202 -6.93 -22.18 -23.43
C ILE A 202 -5.78 -21.18 -23.48
N ALA A 203 -6.02 -20.04 -24.13
CA ALA A 203 -5.03 -18.97 -24.21
C ALA A 203 -5.76 -17.63 -24.39
N TYR A 204 -5.00 -16.54 -24.45
CA TYR A 204 -5.55 -15.22 -24.70
C TYR A 204 -4.88 -14.63 -25.94
N ASN A 205 -5.68 -14.15 -26.89
CA ASN A 205 -5.18 -13.62 -28.15
C ASN A 205 -5.35 -12.11 -28.19
N ILE A 206 -4.32 -11.43 -28.67
CA ILE A 206 -4.40 -10.00 -28.98
C ILE A 206 -4.85 -9.84 -30.43
N VAL A 207 -5.97 -9.14 -30.62
CA VAL A 207 -6.49 -8.85 -31.94
C VAL A 207 -6.00 -7.47 -32.35
N LYS A 208 -5.67 -7.32 -33.63
CA LYS A 208 -5.28 -6.04 -34.20
C LYS A 208 -6.17 -5.74 -35.40
N ILE A 209 -6.86 -4.59 -35.35
CA ILE A 209 -7.65 -4.11 -36.47
C ILE A 209 -6.94 -2.89 -37.06
N PRO A 210 -6.52 -2.94 -38.34
CA PRO A 210 -5.75 -1.84 -38.93
C PRO A 210 -6.59 -0.59 -39.19
N PRO A 211 -5.95 0.58 -39.46
CA PRO A 211 -6.68 1.78 -39.86
C PRO A 211 -7.34 1.58 -41.23
N LEU A 212 -8.30 2.45 -41.55
CA LEU A 212 -8.92 2.42 -42.87
C LEU A 212 -7.86 2.81 -43.90
N GLN A 213 -7.68 1.96 -44.91
CA GLN A 213 -6.70 2.17 -45.96
C GLN A 213 -7.35 2.92 -47.13
N ALA A 214 -6.56 3.20 -48.16
CA ALA A 214 -7.04 3.88 -49.35
C ALA A 214 -8.04 3.02 -50.11
N ASP A 215 -7.89 1.69 -50.03
CA ASP A 215 -8.77 0.76 -50.72
C ASP A 215 -10.18 0.82 -50.14
N LYS A 216 -10.31 1.32 -48.90
CA LYS A 216 -11.59 1.66 -48.29
C LYS A 216 -12.37 0.41 -47.90
N GLU A 217 -11.70 -0.75 -47.84
CA GLU A 217 -12.37 -1.97 -47.41
C GLU A 217 -12.53 -1.95 -45.90
N ASP A 218 -13.53 -2.68 -45.40
CA ASP A 218 -13.83 -2.75 -43.97
C ASP A 218 -12.60 -3.24 -43.22
N PRO A 219 -12.03 -2.43 -42.28
CA PRO A 219 -10.86 -2.86 -41.49
C PRO A 219 -11.02 -4.15 -40.71
N ILE A 220 -12.26 -4.50 -40.33
CA ILE A 220 -12.51 -5.70 -39.54
C ILE A 220 -12.19 -6.94 -40.38
N SER A 221 -12.34 -6.85 -41.71
CA SER A 221 -12.02 -7.95 -42.60
C SER A 221 -10.51 -8.14 -42.74
N LYS A 222 -9.72 -7.22 -42.19
CA LYS A 222 -8.27 -7.34 -42.19
C LYS A 222 -7.73 -7.61 -40.80
N SER A 223 -8.62 -8.06 -39.88
CA SER A 223 -8.23 -8.37 -38.51
C SER A 223 -7.26 -9.54 -38.49
N GLU A 224 -6.42 -9.58 -37.45
CA GLU A 224 -5.43 -10.63 -37.29
C GLU A 224 -5.01 -10.74 -35.82
N ILE A 225 -4.59 -11.96 -35.44
CA ILE A 225 -3.98 -12.21 -34.14
C ILE A 225 -2.50 -11.89 -34.25
N VAL A 226 -2.01 -11.00 -33.38
CA VAL A 226 -0.61 -10.58 -33.42
C VAL A 226 0.21 -11.37 -32.40
N VAL A 227 -0.35 -11.64 -31.22
CA VAL A 227 0.38 -12.37 -30.19
C VAL A 227 -0.60 -13.08 -29.28
N GLN A 228 -0.12 -14.16 -28.64
CA GLN A 228 -0.92 -14.98 -27.75
C GLN A 228 -0.25 -15.03 -26.37
N PHE A 229 -1.07 -14.85 -25.33
CA PHE A 229 -0.63 -15.02 -23.96
C PHE A 229 -1.04 -16.40 -23.47
N PRO A 230 -0.18 -17.11 -22.69
CA PRO A 230 -0.56 -18.39 -22.11
C PRO A 230 -1.53 -18.22 -20.95
N CYS A 231 -2.14 -19.33 -20.53
CA CYS A 231 -3.12 -19.32 -19.47
C CYS A 231 -2.56 -20.11 -18.27
N SER A 232 -2.90 -19.65 -17.06
CA SER A 232 -2.41 -20.24 -15.83
C SER A 232 -3.05 -21.61 -15.60
N ASP A 233 -4.27 -21.77 -16.09
CA ASP A 233 -5.03 -23.00 -15.95
C ASP A 233 -5.39 -23.49 -17.35
N ARG A 234 -5.19 -24.79 -17.58
CA ARG A 234 -5.34 -25.38 -18.90
C ARG A 234 -6.75 -25.19 -19.44
N PHE A 235 -7.76 -25.27 -18.56
CA PHE A 235 -9.16 -25.32 -18.98
C PHE A 235 -9.97 -24.13 -18.47
N LYS A 236 -9.32 -23.18 -17.77
CA LYS A 236 -10.03 -22.08 -17.15
C LYS A 236 -9.32 -20.76 -17.43
N PRO A 237 -9.83 -19.93 -18.36
CA PRO A 237 -9.27 -18.60 -18.58
C PRO A 237 -9.70 -17.67 -17.45
N SER A 238 -8.85 -16.69 -17.14
CA SER A 238 -9.22 -15.61 -16.25
C SER A 238 -10.18 -14.68 -16.98
N TYR A 239 -11.09 -14.07 -16.21
CA TYR A 239 -11.88 -12.96 -16.71
C TYR A 239 -10.95 -11.78 -16.97
N VAL A 240 -11.06 -11.18 -18.16
CA VAL A 240 -10.24 -10.04 -18.52
C VAL A 240 -11.18 -8.94 -19.02
N HIS A 241 -11.04 -7.75 -18.41
CA HIS A 241 -11.92 -6.63 -18.68
C HIS A 241 -11.18 -5.57 -19.50
N SER A 242 -9.85 -5.49 -19.33
CA SER A 242 -9.03 -4.51 -20.01
C SER A 242 -7.57 -4.98 -19.99
N PHE A 243 -6.70 -4.21 -20.65
CA PHE A 243 -5.29 -4.53 -20.71
C PHE A 243 -4.49 -3.24 -20.96
N GLY A 244 -3.16 -3.35 -20.88
CA GLY A 244 -2.28 -2.19 -21.02
C GLY A 244 -1.55 -2.20 -22.36
N LEU A 245 -1.26 -1.01 -22.88
CA LEU A 245 -0.58 -0.86 -24.16
C LEU A 245 0.36 0.34 -24.10
N THR A 246 1.62 0.11 -24.49
CA THR A 246 2.59 1.17 -24.68
C THR A 246 3.04 1.11 -26.14
N PRO A 247 3.89 2.05 -26.61
CA PRO A 247 4.45 1.97 -27.96
C PRO A 247 5.09 0.62 -28.28
N ASN A 248 5.72 -0.01 -27.28
CA ASN A 248 6.55 -1.19 -27.51
C ASN A 248 6.01 -2.44 -26.83
N TYR A 249 5.06 -2.31 -25.90
CA TYR A 249 4.66 -3.45 -25.09
C TYR A 249 3.15 -3.55 -24.92
N ILE A 250 2.72 -4.79 -24.69
CA ILE A 250 1.36 -5.12 -24.30
C ILE A 250 1.43 -5.75 -22.91
N VAL A 251 0.60 -5.25 -21.98
CA VAL A 251 0.56 -5.76 -20.63
C VAL A 251 -0.81 -6.39 -20.39
N PHE A 252 -0.79 -7.63 -19.88
CA PHE A 252 -2.00 -8.38 -19.57
C PHE A 252 -1.92 -8.86 -18.12
N VAL A 253 -2.98 -8.62 -17.35
CA VAL A 253 -3.03 -8.99 -15.95
C VAL A 253 -4.02 -10.15 -15.79
N GLU A 254 -3.49 -11.31 -15.40
CA GLU A 254 -4.29 -12.53 -15.24
C GLU A 254 -4.66 -12.67 -13.76
N THR A 255 -5.95 -12.47 -13.45
CA THR A 255 -6.43 -12.40 -12.08
C THR A 255 -6.99 -13.75 -11.66
N PRO A 256 -7.21 -13.98 -10.33
CA PRO A 256 -7.76 -15.25 -9.87
C PRO A 256 -9.26 -15.47 -10.10
N VAL A 257 -9.93 -14.51 -10.73
CA VAL A 257 -11.32 -14.68 -11.15
C VAL A 257 -11.33 -15.52 -12.43
N LYS A 258 -11.78 -16.79 -12.31
CA LYS A 258 -11.69 -17.74 -13.40
C LYS A 258 -13.07 -18.07 -13.95
N ILE A 259 -13.11 -18.37 -15.26
CA ILE A 259 -14.30 -18.82 -15.96
C ILE A 259 -14.21 -20.33 -16.08
N ASN A 260 -15.20 -21.04 -15.50
CA ASN A 260 -15.24 -22.49 -15.54
C ASN A 260 -16.01 -22.91 -16.79
N LEU A 261 -15.27 -23.34 -17.83
CA LEU A 261 -15.86 -23.67 -19.12
C LEU A 261 -16.65 -24.97 -19.04
N PHE A 262 -16.32 -25.84 -18.07
CA PHE A 262 -17.06 -27.07 -17.86
C PHE A 262 -18.51 -26.74 -17.50
N LYS A 263 -18.69 -25.94 -16.43
CA LYS A 263 -20.00 -25.54 -15.95
C LYS A 263 -20.72 -24.66 -16.98
N PHE A 264 -19.96 -24.06 -17.90
CA PHE A 264 -20.52 -23.30 -19.01
C PHE A 264 -21.16 -24.25 -20.01
N LEU A 265 -20.35 -25.19 -20.52
CA LEU A 265 -20.76 -26.12 -21.56
C LEU A 265 -21.07 -27.50 -20.94
N GLY A 272 -30.23 -24.29 -17.08
CA GLY A 272 -30.68 -22.92 -16.82
C GLY A 272 -29.62 -22.11 -16.08
N ALA A 273 -28.41 -22.04 -16.67
CA ALA A 273 -27.31 -21.28 -16.11
C ALA A 273 -27.09 -19.99 -16.90
N ASN A 274 -26.58 -18.96 -16.21
CA ASN A 274 -26.19 -17.72 -16.84
C ASN A 274 -24.67 -17.64 -16.81
N TYR A 275 -24.11 -16.51 -17.27
CA TYR A 275 -22.68 -16.32 -17.34
C TYR A 275 -22.09 -16.26 -15.93
N MET A 276 -22.78 -15.52 -15.05
CA MET A 276 -22.35 -15.30 -13.68
C MET A 276 -22.12 -16.63 -12.95
N ASP A 277 -22.91 -17.66 -13.29
CA ASP A 277 -22.83 -18.96 -12.64
C ASP A 277 -21.52 -19.69 -13.00
N CYS A 278 -20.81 -19.20 -14.03
CA CYS A 278 -19.63 -19.89 -14.52
C CYS A 278 -18.34 -19.41 -13.84
N PHE A 279 -18.42 -18.29 -13.11
CA PHE A 279 -17.23 -17.69 -12.50
C PHE A 279 -16.89 -18.40 -11.20
N GLU A 280 -15.59 -18.54 -10.92
CA GLU A 280 -15.10 -19.02 -9.65
C GLU A 280 -13.77 -18.34 -9.34
N SER A 281 -13.39 -18.35 -8.06
CA SER A 281 -12.16 -17.70 -7.60
C SER A 281 -11.11 -18.76 -7.29
N ASN A 282 -9.93 -18.63 -7.92
CA ASN A 282 -8.78 -19.45 -7.58
C ASN A 282 -8.10 -18.83 -6.36
N GLU A 283 -7.96 -19.63 -5.29
CA GLU A 283 -7.53 -19.11 -4.01
C GLU A 283 -6.01 -19.03 -3.90
N THR A 284 -5.27 -19.78 -4.73
CA THR A 284 -3.85 -20.00 -4.50
C THR A 284 -2.96 -19.29 -5.52
N MET A 285 -3.50 -18.88 -6.67
CA MET A 285 -2.63 -18.43 -7.76
C MET A 285 -2.19 -16.98 -7.59
N GLY A 286 -2.97 -16.17 -6.87
CA GLY A 286 -2.73 -14.74 -6.81
C GLY A 286 -2.96 -14.08 -8.17
N VAL A 287 -2.12 -13.10 -8.51
CA VAL A 287 -2.19 -12.43 -9.79
C VAL A 287 -0.91 -12.68 -10.57
N TRP A 288 -1.06 -13.04 -11.85
CA TRP A 288 0.05 -13.21 -12.78
C TRP A 288 0.05 -12.06 -13.78
N LEU A 289 1.17 -11.36 -13.92
CA LEU A 289 1.27 -10.29 -14.90
C LEU A 289 2.12 -10.76 -16.07
N HIS A 290 1.71 -10.36 -17.28
CA HIS A 290 2.33 -10.83 -18.51
C HIS A 290 2.64 -9.64 -19.41
N ILE A 291 3.81 -9.69 -20.06
CA ILE A 291 4.20 -8.68 -21.03
C ILE A 291 4.47 -9.38 -22.36
N ALA A 292 4.16 -8.68 -23.45
CA ALA A 292 4.53 -9.13 -24.79
C ALA A 292 5.16 -7.96 -25.55
N ASP A 293 6.18 -8.28 -26.36
CA ASP A 293 6.76 -7.33 -27.28
C ASP A 293 5.76 -7.06 -28.39
N LYS A 294 5.33 -5.80 -28.52
CA LYS A 294 4.26 -5.43 -29.43
C LYS A 294 4.75 -5.50 -30.88
N LYS A 295 5.96 -4.98 -31.13
CA LYS A 295 6.47 -4.81 -32.48
C LYS A 295 7.04 -6.11 -33.02
N ARG A 296 7.69 -6.89 -32.15
CA ARG A 296 8.25 -8.18 -32.55
C ARG A 296 7.19 -9.28 -32.41
N LYS A 297 6.02 -8.92 -31.85
CA LYS A 297 4.88 -9.82 -31.77
C LYS A 297 5.26 -11.11 -31.05
N LYS A 298 5.85 -10.97 -29.86
CA LYS A 298 6.41 -12.09 -29.14
C LYS A 298 6.06 -11.98 -27.65
N TYR A 299 5.66 -13.11 -27.06
CA TYR A 299 5.43 -13.20 -25.62
C TYR A 299 6.79 -13.25 -24.92
N ILE A 300 6.92 -12.51 -23.81
CA ILE A 300 8.14 -12.50 -23.01
C ILE A 300 7.89 -13.35 -21.76
N ASN A 301 8.77 -14.34 -21.54
N ASN A 301 8.77 -14.33 -21.55
CA ASN A 301 8.56 -15.32 -20.49
CA ASN A 301 8.59 -15.32 -20.50
C ASN A 301 9.16 -14.81 -19.19
C ASN A 301 9.16 -14.81 -19.18
N ASN A 302 8.59 -13.71 -18.67
CA ASN A 302 8.92 -13.20 -17.35
C ASN A 302 7.74 -13.50 -16.42
N LYS A 303 8.00 -14.27 -15.36
CA LYS A 303 6.94 -14.74 -14.48
C LYS A 303 6.73 -13.74 -13.35
N TYR A 304 6.01 -12.65 -13.66
CA TYR A 304 5.65 -11.66 -12.66
C TYR A 304 4.47 -12.18 -11.83
N ARG A 305 4.58 -12.03 -10.51
CA ARG A 305 3.59 -12.57 -9.58
C ARG A 305 3.32 -11.55 -8.48
N THR A 306 2.07 -11.50 -7.99
CA THR A 306 1.75 -10.71 -6.81
C THR A 306 0.51 -11.28 -6.13
N SER A 307 0.05 -10.58 -5.09
N SER A 307 0.05 -10.58 -5.09
CA SER A 307 -1.05 -11.03 -4.25
CA SER A 307 -1.06 -11.01 -4.25
C SER A 307 -2.37 -10.91 -5.01
C SER A 307 -2.37 -10.92 -5.01
N PRO A 308 -3.45 -11.61 -4.58
CA PRO A 308 -4.72 -11.59 -5.30
C PRO A 308 -5.48 -10.27 -5.27
N PHE A 309 -6.01 -9.88 -6.44
CA PHE A 309 -6.94 -8.77 -6.56
C PHE A 309 -7.80 -8.98 -7.81
N ASN A 310 -8.99 -8.36 -7.79
CA ASN A 310 -9.79 -8.16 -8.99
C ASN A 310 -9.24 -6.93 -9.72
N LEU A 311 -9.30 -6.96 -11.05
CA LEU A 311 -8.96 -5.82 -11.87
C LEU A 311 -9.99 -5.69 -12.99
N PHE A 312 -10.55 -4.49 -13.13
CA PHE A 312 -11.41 -4.19 -14.26
C PHE A 312 -10.69 -3.20 -15.17
N HIS A 313 -10.23 -2.08 -14.60
CA HIS A 313 -9.74 -0.97 -15.40
C HIS A 313 -8.26 -0.69 -15.12
N HIS A 314 -7.43 -0.88 -16.15
CA HIS A 314 -6.14 -0.23 -16.25
C HIS A 314 -6.36 1.28 -16.33
N ILE A 315 -5.48 2.06 -15.70
CA ILE A 315 -5.52 3.50 -15.79
C ILE A 315 -4.67 3.94 -16.98
N ASN A 316 -3.39 3.56 -16.94
CA ASN A 316 -2.46 3.87 -18.00
C ASN A 316 -1.21 3.01 -17.80
N THR A 317 -0.45 2.82 -18.88
CA THR A 317 0.79 2.08 -18.85
C THR A 317 1.85 2.90 -19.60
N TYR A 318 3.10 2.86 -19.16
CA TYR A 318 4.15 3.52 -19.92
C TYR A 318 5.52 2.93 -19.57
N GLU A 319 6.48 3.23 -20.44
CA GLU A 319 7.85 2.76 -20.32
C GLU A 319 8.68 3.85 -19.65
N ASP A 320 9.52 3.43 -18.69
CA ASP A 320 10.43 4.32 -18.00
C ASP A 320 11.75 3.59 -17.81
N HIS A 321 12.74 3.87 -18.67
N HIS A 321 12.75 4.02 -18.59
CA HIS A 321 14.08 3.34 -18.55
CA HIS A 321 13.98 3.29 -18.80
C HIS A 321 14.14 1.83 -18.29
C HIS A 321 13.60 1.89 -19.27
N GLU A 322 13.53 1.02 -19.16
N GLU A 322 14.07 0.87 -18.55
CA GLU A 322 13.60 -0.44 -19.06
CA GLU A 322 13.75 -0.50 -18.87
C GLU A 322 12.73 -0.98 -17.92
C GLU A 322 12.72 -1.02 -17.87
N PHE A 323 11.67 -0.23 -17.59
CA PHE A 323 10.63 -0.67 -16.67
C PHE A 323 9.28 -0.29 -17.26
N LEU A 324 8.28 -1.15 -17.03
CA LEU A 324 6.90 -0.82 -17.35
C LEU A 324 6.19 -0.35 -16.08
N ILE A 325 5.62 0.86 -16.15
CA ILE A 325 4.80 1.42 -15.10
C ILE A 325 3.36 1.03 -15.40
N VAL A 326 2.72 0.32 -14.46
CA VAL A 326 1.40 -0.24 -14.67
C VAL A 326 0.47 0.28 -13.57
N ASP A 327 -0.37 1.27 -13.92
CA ASP A 327 -1.29 1.88 -12.98
C ASP A 327 -2.66 1.21 -13.12
N LEU A 328 -3.18 0.68 -11.99
CA LEU A 328 -4.35 -0.18 -11.97
C LEU A 328 -5.35 0.32 -10.93
N CYS A 329 -6.65 0.14 -11.24
CA CYS A 329 -7.72 0.21 -10.26
C CYS A 329 -8.00 -1.19 -9.75
N CYS A 330 -7.57 -1.48 -8.51
CA CYS A 330 -7.61 -2.83 -7.98
C CYS A 330 -8.71 -2.97 -6.95
N TRP A 331 -9.11 -4.23 -6.71
CA TRP A 331 -9.98 -4.60 -5.61
C TRP A 331 -9.31 -5.73 -4.85
N LYS A 332 -9.01 -5.49 -3.56
CA LYS A 332 -8.17 -6.38 -2.77
C LYS A 332 -8.98 -7.60 -2.33
N GLY A 333 -8.60 -8.77 -2.87
CA GLY A 333 -9.29 -10.02 -2.61
C GLY A 333 -9.45 -10.83 -3.90
N PHE A 334 -9.87 -12.09 -3.77
CA PHE A 334 -10.08 -12.92 -4.95
C PHE A 334 -11.57 -13.13 -5.21
N GLU A 335 -12.44 -12.72 -4.28
CA GLU A 335 -13.87 -12.79 -4.51
C GLU A 335 -14.23 -11.85 -5.66
N PHE A 336 -15.11 -12.32 -6.55
CA PHE A 336 -15.50 -11.56 -7.73
C PHE A 336 -16.39 -10.40 -7.30
N VAL A 337 -15.99 -9.18 -7.68
CA VAL A 337 -16.66 -7.97 -7.25
C VAL A 337 -18.09 -7.92 -7.81
N TYR A 338 -18.31 -8.59 -8.95
CA TYR A 338 -19.59 -8.56 -9.62
C TYR A 338 -20.68 -9.22 -8.76
N ASN A 339 -20.28 -10.05 -7.78
CA ASN A 339 -21.21 -10.63 -6.83
C ASN A 339 -22.01 -9.57 -6.08
N TYR A 340 -21.46 -8.35 -5.98
CA TYR A 340 -22.08 -7.29 -5.19
C TYR A 340 -22.90 -6.35 -6.06
N LEU A 341 -23.12 -6.70 -7.34
CA LEU A 341 -23.71 -5.77 -8.29
C LEU A 341 -25.03 -6.29 -8.87
N TYR A 342 -25.77 -7.10 -8.10
CA TYR A 342 -27.14 -7.44 -8.47
C TYR A 342 -28.04 -6.25 -8.17
N LEU A 343 -29.05 -6.05 -9.03
CA LEU A 343 -29.90 -4.86 -8.98
C LEU A 343 -30.67 -4.81 -7.66
N ALA A 344 -31.07 -5.98 -7.14
CA ALA A 344 -31.78 -6.06 -5.88
C ALA A 344 -30.96 -5.42 -4.75
N ASN A 345 -29.63 -5.60 -4.81
CA ASN A 345 -28.74 -5.09 -3.78
C ASN A 345 -28.48 -3.60 -3.99
N LEU A 346 -28.34 -3.16 -5.24
CA LEU A 346 -28.07 -1.77 -5.55
C LEU A 346 -29.31 -0.90 -5.34
N ARG A 347 -30.49 -1.52 -5.25
CA ARG A 347 -31.74 -0.80 -5.09
C ARG A 347 -32.16 -0.71 -3.62
N GLU A 348 -31.41 -1.36 -2.71
CA GLU A 348 -31.75 -1.33 -1.30
C GLU A 348 -31.55 0.07 -0.73
N ASN A 349 -32.07 0.29 0.48
CA ASN A 349 -31.89 1.54 1.19
C ASN A 349 -30.43 1.65 1.65
N TRP A 350 -30.03 2.88 1.99
CA TRP A 350 -28.62 3.23 2.13
C TRP A 350 -27.93 2.37 3.20
N GLU A 351 -28.59 2.22 4.35
CA GLU A 351 -28.02 1.46 5.46
C GLU A 351 -27.76 0.02 5.05
N GLU A 352 -28.63 -0.53 4.18
CA GLU A 352 -28.50 -1.90 3.71
C GLU A 352 -27.39 -2.00 2.66
N VAL A 353 -27.26 -0.95 1.83
CA VAL A 353 -26.22 -0.90 0.81
C VAL A 353 -24.85 -0.93 1.49
N LYS A 354 -24.68 -0.15 2.57
CA LYS A 354 -23.43 -0.11 3.29
C LYS A 354 -23.13 -1.47 3.93
N LYS A 355 -24.16 -2.09 4.53
CA LYS A 355 -23.98 -3.36 5.21
C LYS A 355 -23.56 -4.44 4.21
N ASN A 356 -24.12 -4.39 3.00
CA ASN A 356 -23.83 -5.36 1.96
C ASN A 356 -22.36 -5.32 1.55
N ALA A 357 -21.72 -4.15 1.66
CA ALA A 357 -20.37 -3.97 1.16
C ALA A 357 -19.31 -4.24 2.23
N ARG A 358 -19.73 -4.65 3.43
CA ARG A 358 -18.82 -4.74 4.57
C ARG A 358 -17.73 -5.78 4.32
N LYS A 359 -18.07 -6.88 3.65
CA LYS A 359 -17.12 -7.97 3.44
C LYS A 359 -16.64 -8.02 1.99
N ALA A 360 -16.93 -6.97 1.21
CA ALA A 360 -16.49 -6.92 -0.18
C ALA A 360 -14.99 -6.65 -0.26
N PRO A 361 -14.34 -6.96 -1.39
CA PRO A 361 -12.97 -6.50 -1.65
C PRO A 361 -12.88 -4.99 -1.51
N GLN A 362 -11.72 -4.52 -1.04
CA GLN A 362 -11.46 -3.10 -0.83
C GLN A 362 -10.82 -2.51 -2.09
N PRO A 363 -11.34 -1.38 -2.61
CA PRO A 363 -10.76 -0.75 -3.80
C PRO A 363 -9.45 -0.04 -3.45
N GLU A 364 -8.50 -0.04 -4.40
CA GLU A 364 -7.22 0.61 -4.20
C GLU A 364 -6.56 0.87 -5.55
N VAL A 365 -6.13 2.11 -5.78
CA VAL A 365 -5.32 2.43 -6.94
C VAL A 365 -3.87 2.05 -6.63
N ARG A 366 -3.28 1.23 -7.50
CA ARG A 366 -1.94 0.69 -7.29
C ARG A 366 -1.08 0.91 -8.53
N ARG A 367 0.19 1.26 -8.28
CA ARG A 367 1.21 1.33 -9.31
C ARG A 367 2.12 0.12 -9.17
N TYR A 368 2.16 -0.73 -10.19
CA TYR A 368 3.14 -1.80 -10.28
C TYR A 368 4.25 -1.37 -11.23
N VAL A 369 5.46 -1.86 -10.97
CA VAL A 369 6.60 -1.57 -11.83
C VAL A 369 7.25 -2.90 -12.20
N LEU A 370 7.26 -3.18 -13.52
CA LEU A 370 7.72 -4.45 -14.06
C LEU A 370 9.10 -4.24 -14.69
N PRO A 371 10.18 -4.85 -14.13
CA PRO A 371 11.49 -4.79 -14.79
C PRO A 371 11.51 -5.63 -16.07
N LEU A 372 12.09 -5.07 -17.14
CA LEU A 372 12.26 -5.77 -18.39
C LEU A 372 13.60 -6.51 -18.41
N ASN A 373 14.60 -5.97 -17.70
CA ASN A 373 15.92 -6.58 -17.63
C ASN A 373 16.06 -7.39 -16.34
N ILE A 374 16.01 -8.72 -16.47
CA ILE A 374 16.16 -9.63 -15.34
C ILE A 374 17.57 -10.22 -15.38
N ASP A 375 18.42 -9.80 -14.43
CA ASP A 375 19.76 -10.34 -14.29
C ASP A 375 19.80 -11.32 -13.12
N LYS A 376 20.24 -12.55 -13.40
CA LYS A 376 20.35 -13.61 -12.41
C LYS A 376 21.20 -13.19 -11.21
N ALA A 377 22.21 -12.35 -11.46
CA ALA A 377 23.11 -11.89 -10.41
C ALA A 377 22.37 -11.13 -9.32
N ASP A 378 21.16 -10.62 -9.63
CA ASP A 378 20.37 -9.86 -8.67
C ASP A 378 19.31 -10.73 -8.00
N THR A 379 19.43 -12.05 -8.11
CA THR A 379 18.49 -12.94 -7.45
C THR A 379 18.42 -12.57 -5.96
N GLY A 380 17.18 -12.44 -5.45
CA GLY A 380 16.94 -12.20 -4.04
C GLY A 380 16.80 -10.71 -3.72
N LYS A 381 16.98 -9.84 -4.73
CA LYS A 381 17.01 -8.40 -4.51
C LYS A 381 15.87 -7.71 -5.26
N ASN A 382 15.62 -6.46 -4.85
CA ASN A 382 14.66 -5.56 -5.50
C ASN A 382 15.28 -5.03 -6.79
N LEU A 383 14.61 -5.26 -7.93
CA LEU A 383 15.14 -4.87 -9.23
C LEU A 383 14.68 -3.46 -9.62
N VAL A 384 13.75 -2.87 -8.88
CA VAL A 384 13.18 -1.58 -9.25
C VAL A 384 14.09 -0.47 -8.74
N THR A 385 15.01 -0.01 -9.60
CA THR A 385 16.03 0.94 -9.23
C THR A 385 15.58 2.37 -9.56
N LEU A 386 14.34 2.54 -10.03
CA LEU A 386 13.81 3.86 -10.34
C LEU A 386 13.79 4.70 -9.07
N PRO A 387 14.04 6.03 -9.17
CA PRO A 387 14.17 6.89 -7.99
C PRO A 387 12.90 7.46 -7.38
N ASN A 388 11.76 7.31 -8.07
CA ASN A 388 10.54 8.05 -7.81
CA ASN A 388 10.55 8.05 -7.72
C ASN A 388 9.39 7.10 -7.46
N THR A 389 9.69 5.87 -7.04
CA THR A 389 8.64 4.92 -6.70
C THR A 389 9.07 4.07 -5.51
N THR A 390 8.07 3.54 -4.78
CA THR A 390 8.29 2.60 -3.70
C THR A 390 7.85 1.19 -4.12
N ALA A 391 7.42 1.03 -5.38
CA ALA A 391 7.13 -0.29 -5.91
C ALA A 391 8.41 -1.12 -5.96
N THR A 392 8.27 -2.44 -5.75
CA THR A 392 9.42 -3.34 -5.74
C THR A 392 9.12 -4.55 -6.61
N ALA A 393 10.20 -5.25 -6.99
CA ALA A 393 10.12 -6.47 -7.77
C ALA A 393 11.29 -7.38 -7.38
N ILE A 394 10.98 -8.50 -6.70
CA ILE A 394 12.00 -9.39 -6.17
C ILE A 394 12.16 -10.56 -7.12
N LEU A 395 13.38 -10.75 -7.62
CA LEU A 395 13.73 -11.93 -8.40
C LEU A 395 14.00 -13.10 -7.45
N CYS A 396 13.19 -14.15 -7.57
CA CYS A 396 13.32 -15.34 -6.74
C CYS A 396 14.14 -16.39 -7.49
N SER A 397 14.53 -17.45 -6.77
CA SER A 397 15.38 -18.49 -7.30
C SER A 397 14.65 -19.34 -8.34
N ASP A 398 13.32 -19.48 -8.18
CA ASP A 398 12.50 -20.19 -9.15
C ASP A 398 12.21 -19.31 -10.37
N GLU A 399 12.74 -18.09 -10.37
CA GLU A 399 12.72 -17.17 -11.51
C GLU A 399 11.40 -16.39 -11.57
N THR A 400 10.50 -16.59 -10.60
CA THR A 400 9.35 -15.70 -10.49
C THR A 400 9.83 -14.35 -9.96
N ILE A 401 9.20 -13.28 -10.45
CA ILE A 401 9.45 -11.93 -9.99
C ILE A 401 8.25 -11.50 -9.15
N TRP A 402 8.45 -11.37 -7.83
CA TRP A 402 7.37 -11.00 -6.93
C TRP A 402 7.25 -9.48 -6.82
N LEU A 403 6.05 -8.96 -7.09
CA LEU A 403 5.83 -7.52 -7.17
C LEU A 403 5.11 -7.03 -5.91
N GLU A 404 5.52 -5.85 -5.44
CA GLU A 404 4.77 -5.09 -4.45
C GLU A 404 4.43 -3.74 -5.06
N PRO A 405 3.20 -3.22 -4.88
CA PRO A 405 2.81 -1.96 -5.49
C PRO A 405 3.16 -0.73 -4.66
N GLU A 406 3.19 0.42 -5.33
CA GLU A 406 3.04 1.71 -4.70
C GLU A 406 1.56 2.08 -4.73
N VAL A 407 0.98 2.36 -3.56
CA VAL A 407 -0.43 2.71 -3.48
C VAL A 407 -0.58 4.21 -3.78
N LEU A 408 -1.44 4.54 -4.73
CA LEU A 408 -1.64 5.92 -5.16
C LEU A 408 -2.87 6.53 -4.50
N PHE A 409 -3.87 5.69 -4.20
CA PHE A 409 -5.12 6.15 -3.62
C PHE A 409 -5.80 4.98 -2.90
N SER A 410 -6.29 5.23 -1.69
CA SER A 410 -6.92 4.20 -0.88
C SER A 410 -7.91 4.84 0.09
N GLY A 411 -9.20 4.51 -0.08
CA GLY A 411 -10.24 5.02 0.80
C GLY A 411 -11.19 3.88 1.21
N PRO A 412 -11.62 3.81 2.50
CA PRO A 412 -12.49 2.72 2.96
C PRO A 412 -13.80 2.61 2.20
N ARG A 413 -13.89 1.57 1.34
CA ARG A 413 -15.05 1.33 0.49
C ARG A 413 -15.35 2.56 -0.37
N GLN A 414 -14.29 3.32 -0.71
CA GLN A 414 -14.37 4.47 -1.59
C GLN A 414 -13.46 4.21 -2.79
N ALA A 415 -14.04 3.76 -3.90
CA ALA A 415 -13.26 3.39 -5.07
C ALA A 415 -13.02 4.61 -5.95
N PHE A 416 -11.78 4.77 -6.41
CA PHE A 416 -11.48 5.55 -7.59
C PHE A 416 -11.59 4.61 -8.79
N GLU A 417 -12.70 4.70 -9.52
CA GLU A 417 -13.01 3.75 -10.59
C GLU A 417 -13.34 4.48 -11.88
N PHE A 418 -13.60 3.70 -12.93
CA PHE A 418 -13.89 4.23 -14.26
C PHE A 418 -12.86 5.29 -14.63
N PRO A 419 -11.56 4.93 -14.61
CA PRO A 419 -10.49 5.91 -14.80
C PRO A 419 -10.42 6.41 -16.24
N GLN A 420 -10.09 7.70 -16.38
CA GLN A 420 -9.87 8.33 -17.66
C GLN A 420 -8.64 9.22 -17.57
N ILE A 421 -7.93 9.35 -18.70
CA ILE A 421 -6.79 10.25 -18.81
C ILE A 421 -6.97 11.10 -20.07
N ASN A 422 -6.02 12.00 -20.30
CA ASN A 422 -5.86 12.64 -21.60
C ASN A 422 -5.27 11.60 -22.56
N TYR A 423 -6.13 10.73 -23.09
CA TYR A 423 -5.72 9.48 -23.70
C TYR A 423 -4.99 9.73 -25.02
N GLN A 424 -5.49 10.67 -25.82
CA GLN A 424 -4.99 10.89 -27.17
C GLN A 424 -3.52 11.28 -27.15
N LYS A 425 -3.10 12.04 -26.13
CA LYS A 425 -1.75 12.57 -26.08
C LYS A 425 -0.87 11.83 -25.06
N TYR A 426 -1.47 11.24 -24.02
CA TYR A 426 -0.70 10.65 -22.92
C TYR A 426 -0.97 9.16 -22.74
N GLY A 427 -1.89 8.59 -23.53
CA GLY A 427 -2.12 7.15 -23.48
C GLY A 427 -0.86 6.39 -23.89
N GLY A 428 -0.41 5.49 -23.00
CA GLY A 428 0.76 4.67 -23.25
C GLY A 428 2.07 5.41 -22.99
N LYS A 429 1.99 6.60 -22.39
CA LYS A 429 3.15 7.47 -22.24
C LYS A 429 3.22 8.00 -20.82
N PRO A 430 4.40 8.50 -20.36
CA PRO A 430 4.50 9.18 -19.07
C PRO A 430 3.39 10.20 -18.90
N TYR A 431 2.76 10.21 -17.71
CA TYR A 431 1.61 11.06 -17.46
C TYR A 431 1.54 11.44 -15.98
N THR A 432 0.62 12.34 -15.65
CA THR A 432 0.53 12.92 -14.31
C THR A 432 -0.89 12.78 -13.76
N TYR A 433 -1.91 12.84 -14.61
CA TYR A 433 -3.27 13.05 -14.12
C TYR A 433 -4.21 11.94 -14.60
N ALA A 434 -5.05 11.49 -13.67
CA ALA A 434 -6.17 10.60 -13.98
C ALA A 434 -7.44 11.17 -13.37
N TYR A 435 -8.57 10.90 -14.02
CA TYR A 435 -9.88 11.30 -13.56
C TYR A 435 -10.68 10.02 -13.32
N GLY A 436 -11.58 10.06 -12.33
CA GLY A 436 -12.28 8.86 -11.93
C GLY A 436 -13.68 9.15 -11.38
N LEU A 437 -14.50 8.10 -11.37
CA LEU A 437 -15.78 8.10 -10.70
C LEU A 437 -15.56 7.52 -9.30
N GLY A 438 -16.02 8.25 -8.27
CA GLY A 438 -15.89 7.81 -6.90
C GLY A 438 -17.09 6.96 -6.49
N LEU A 439 -16.82 5.71 -6.09
CA LEU A 439 -17.87 4.78 -5.67
C LEU A 439 -17.89 4.70 -4.14
N ASN A 440 -19.05 5.00 -3.56
CA ASN A 440 -19.29 4.96 -2.13
C ASN A 440 -20.11 3.71 -1.83
N HIS A 441 -19.45 2.65 -1.36
CA HIS A 441 -20.06 1.34 -1.18
C HIS A 441 -20.75 0.91 -2.49
N PHE A 442 -20.06 1.15 -3.61
CA PHE A 442 -20.47 0.77 -4.96
C PHE A 442 -21.44 1.80 -5.56
N VAL A 443 -21.85 2.82 -4.81
CA VAL A 443 -22.75 3.84 -5.32
C VAL A 443 -21.93 5.04 -5.83
N PRO A 444 -22.04 5.41 -7.13
CA PRO A 444 -21.29 6.56 -7.64
C PRO A 444 -21.84 7.86 -7.10
N ASP A 445 -21.01 8.63 -6.38
CA ASP A 445 -21.49 9.83 -5.71
C ASP A 445 -20.53 11.02 -5.77
N ARG A 446 -19.46 10.94 -6.57
N ARG A 446 -19.46 10.94 -6.57
CA ARG A 446 -18.51 12.04 -6.67
CA ARG A 446 -18.51 12.04 -6.67
C ARG A 446 -17.59 11.81 -7.87
C ARG A 446 -17.60 11.82 -7.86
N LEU A 447 -16.93 12.90 -8.29
CA LEU A 447 -15.93 12.85 -9.34
C LEU A 447 -14.58 13.20 -8.74
N CYS A 448 -13.53 12.54 -9.21
N CYS A 448 -13.53 12.53 -9.21
CA CYS A 448 -12.20 12.65 -8.62
CA CYS A 448 -12.20 12.65 -8.60
C CYS A 448 -11.14 12.91 -9.67
C CYS A 448 -11.14 12.90 -9.67
N LYS A 449 -10.09 13.63 -9.27
CA LYS A 449 -8.89 13.80 -10.06
C LYS A 449 -7.70 13.40 -9.20
N LEU A 450 -6.76 12.66 -9.79
CA LEU A 450 -5.61 12.15 -9.07
C LEU A 450 -4.34 12.54 -9.81
N ASN A 451 -3.43 13.22 -9.09
CA ASN A 451 -2.05 13.37 -9.52
C ASN A 451 -1.29 12.11 -9.11
N VAL A 452 -0.89 11.30 -10.09
CA VAL A 452 -0.30 10.00 -9.81
C VAL A 452 1.16 10.14 -9.36
N LYS A 453 1.73 11.35 -9.44
CA LYS A 453 3.09 11.58 -8.96
C LYS A 453 3.10 12.05 -7.51
N THR A 454 2.21 12.98 -7.15
CA THR A 454 2.19 13.58 -5.82
C THR A 454 1.10 12.97 -4.95
N LYS A 455 0.11 12.32 -5.58
CA LYS A 455 -1.01 11.68 -4.88
C LYS A 455 -2.01 12.72 -4.39
N GLU A 456 -1.87 13.98 -4.82
CA GLU A 456 -2.87 14.99 -4.52
C GLU A 456 -4.15 14.63 -5.26
N THR A 457 -5.30 14.91 -4.62
CA THR A 457 -6.59 14.64 -5.23
C THR A 457 -7.43 15.92 -5.22
N TRP A 458 -8.39 15.96 -6.15
CA TRP A 458 -9.45 16.96 -6.16
C TRP A 458 -10.77 16.22 -6.23
N VAL A 459 -11.85 16.85 -5.72
CA VAL A 459 -13.15 16.20 -5.68
C VAL A 459 -14.22 17.20 -6.07
N TRP A 460 -15.20 16.72 -6.84
CA TRP A 460 -16.46 17.39 -7.03
C TRP A 460 -17.58 16.50 -6.48
N GLN A 461 -18.47 17.09 -5.69
CA GLN A 461 -19.55 16.34 -5.05
C GLN A 461 -20.68 17.29 -4.66
N GLU A 462 -21.92 16.88 -4.98
CA GLU A 462 -23.12 17.55 -4.48
C GLU A 462 -24.05 16.51 -3.89
N PRO A 463 -24.76 16.83 -2.77
CA PRO A 463 -25.70 15.89 -2.16
C PRO A 463 -26.80 15.46 -3.13
N ASP A 464 -27.15 14.17 -3.09
CA ASP A 464 -28.27 13.63 -3.85
C ASP A 464 -27.99 13.72 -5.35
N SER A 465 -26.70 13.69 -5.72
CA SER A 465 -26.28 13.75 -7.11
C SER A 465 -25.32 12.60 -7.40
N TYR A 466 -25.66 11.79 -8.40
CA TYR A 466 -24.95 10.56 -8.69
C TYR A 466 -24.37 10.66 -10.10
N PRO A 467 -23.05 10.94 -10.24
CA PRO A 467 -22.44 11.13 -11.55
C PRO A 467 -22.00 9.84 -12.25
N SER A 468 -21.54 10.00 -13.49
CA SER A 468 -21.04 8.91 -14.31
C SER A 468 -19.54 9.09 -14.52
N GLU A 469 -18.93 8.09 -15.18
CA GLU A 469 -17.54 8.17 -15.61
C GLU A 469 -17.27 9.56 -16.19
N PRO A 470 -16.19 10.25 -15.75
CA PRO A 470 -15.83 11.54 -16.33
C PRO A 470 -15.00 11.30 -17.60
N ILE A 471 -15.30 12.05 -18.66
CA ILE A 471 -14.54 11.92 -19.89
C ILE A 471 -13.84 13.25 -20.14
N PHE A 472 -12.52 13.16 -20.39
CA PHE A 472 -11.68 14.32 -20.54
C PHE A 472 -11.69 14.77 -22.00
N VAL A 473 -11.86 16.08 -22.20
CA VAL A 473 -11.74 16.68 -23.52
C VAL A 473 -10.74 17.83 -23.43
N SER A 474 -9.67 17.72 -24.23
CA SER A 474 -8.62 18.72 -24.24
C SER A 474 -9.12 19.97 -24.95
N HIS A 475 -8.65 21.13 -24.48
CA HIS A 475 -8.69 22.31 -25.34
C HIS A 475 -7.86 21.96 -26.57
N PRO A 476 -8.37 22.19 -27.81
CA PRO A 476 -7.68 21.74 -29.01
C PRO A 476 -6.26 22.27 -29.21
N ASP A 477 -5.95 23.40 -28.56
CA ASP A 477 -4.63 24.01 -28.67
C ASP A 477 -3.83 23.86 -27.38
N ALA A 478 -4.20 22.89 -26.54
CA ALA A 478 -3.56 22.70 -25.25
C ALA A 478 -2.15 22.14 -25.45
N LEU A 479 -1.20 22.66 -24.65
CA LEU A 479 0.12 22.07 -24.51
C LEU A 479 0.24 21.31 -23.18
N GLU A 480 -0.55 21.70 -22.17
CA GLU A 480 -0.51 21.05 -20.86
C GLU A 480 -1.46 19.85 -20.83
N GLU A 481 -1.24 18.96 -19.86
CA GLU A 481 -1.88 17.66 -19.84
C GLU A 481 -3.34 17.78 -19.43
N ASP A 482 -3.64 18.71 -18.52
CA ASP A 482 -4.96 18.83 -17.92
C ASP A 482 -5.64 20.13 -18.33
N ASP A 483 -5.28 20.65 -19.52
CA ASP A 483 -5.88 21.88 -20.03
C ASP A 483 -7.12 21.51 -20.82
N GLY A 484 -8.28 21.47 -20.16
CA GLY A 484 -9.52 21.09 -20.82
C GLY A 484 -10.67 20.98 -19.82
N VAL A 485 -11.65 20.14 -20.17
CA VAL A 485 -12.81 19.92 -19.32
C VAL A 485 -13.02 18.41 -19.15
N VAL A 486 -13.80 18.04 -18.13
CA VAL A 486 -14.33 16.70 -18.04
C VAL A 486 -15.85 16.78 -18.10
N LEU A 487 -16.46 15.79 -18.75
CA LEU A 487 -17.90 15.71 -18.91
C LEU A 487 -18.41 14.52 -18.10
N SER A 488 -19.47 14.73 -17.33
CA SER A 488 -20.13 13.65 -16.60
C SER A 488 -21.64 13.82 -16.68
N VAL A 489 -22.35 12.69 -16.79
CA VAL A 489 -23.81 12.68 -16.76
C VAL A 489 -24.26 12.40 -15.33
N VAL A 490 -25.05 13.32 -14.77
CA VAL A 490 -25.40 13.30 -13.35
C VAL A 490 -26.91 13.09 -13.20
N VAL A 491 -27.28 12.17 -12.31
CA VAL A 491 -28.65 11.96 -11.89
C VAL A 491 -28.86 12.67 -10.56
N SER A 492 -29.94 13.46 -10.46
CA SER A 492 -30.24 14.25 -9.28
C SER A 492 -31.75 14.30 -9.04
N PRO A 493 -32.37 13.18 -8.60
CA PRO A 493 -33.84 13.09 -8.58
C PRO A 493 -34.59 13.81 -7.47
N GLY A 494 -33.86 14.47 -6.56
CA GLY A 494 -34.48 15.21 -5.47
C GLY A 494 -35.59 16.13 -5.98
N ALA A 495 -36.74 16.13 -5.27
CA ALA A 495 -37.90 16.92 -5.65
C ALA A 495 -37.57 18.40 -5.56
N GLY A 496 -38.04 19.17 -6.55
CA GLY A 496 -37.67 20.57 -6.70
C GLY A 496 -36.34 20.73 -7.44
N GLN A 497 -36.01 19.74 -8.29
CA GLN A 497 -34.80 19.77 -9.09
C GLN A 497 -35.06 19.10 -10.43
N LYS A 498 -34.26 19.47 -11.44
CA LYS A 498 -34.25 18.76 -12.71
C LYS A 498 -33.65 17.36 -12.48
N PRO A 499 -34.28 16.30 -13.00
CA PRO A 499 -33.90 14.92 -12.67
C PRO A 499 -32.52 14.43 -13.12
N ALA A 500 -31.91 15.13 -14.09
CA ALA A 500 -30.60 14.77 -14.61
C ALA A 500 -29.97 15.95 -15.34
N TYR A 501 -28.64 15.92 -15.49
CA TYR A 501 -27.94 16.97 -16.21
C TYR A 501 -26.56 16.49 -16.65
N LEU A 502 -26.05 17.14 -17.70
CA LEU A 502 -24.69 17.00 -18.15
C LEU A 502 -23.84 18.02 -17.39
N LEU A 503 -22.80 17.53 -16.70
CA LEU A 503 -21.93 18.37 -15.91
C LEU A 503 -20.64 18.63 -16.69
N ILE A 504 -20.21 19.89 -16.72
CA ILE A 504 -18.91 20.25 -17.29
C ILE A 504 -18.06 20.87 -16.20
N LEU A 505 -16.90 20.23 -15.93
CA LEU A 505 -15.96 20.70 -14.94
C LEU A 505 -14.66 21.13 -15.64
N ASN A 506 -13.98 22.11 -15.07
CA ASN A 506 -12.63 22.45 -15.47
C ASN A 506 -11.71 21.33 -15.00
N ALA A 507 -10.89 20.81 -15.92
CA ALA A 507 -10.03 19.67 -15.64
C ALA A 507 -8.89 20.03 -14.68
N LYS A 508 -8.57 21.33 -14.56
CA LYS A 508 -7.50 21.78 -13.68
C LYS A 508 -7.80 21.46 -12.21
N ASP A 509 -9.02 21.80 -11.76
CA ASP A 509 -9.33 21.75 -10.34
C ASP A 509 -10.71 21.13 -10.09
N LEU A 510 -11.35 20.59 -11.13
CA LEU A 510 -12.70 20.05 -11.06
C LEU A 510 -13.71 21.09 -10.55
N SER A 511 -13.47 22.37 -10.87
CA SER A 511 -14.44 23.41 -10.57
C SER A 511 -15.51 23.44 -11.67
N GLU A 512 -16.76 23.72 -11.28
CA GLU A 512 -17.89 23.64 -12.19
C GLU A 512 -17.84 24.78 -13.20
N VAL A 513 -18.09 24.45 -14.47
CA VAL A 513 -18.07 25.41 -15.57
C VAL A 513 -19.49 25.62 -16.11
N ALA A 514 -20.27 24.53 -16.20
CA ALA A 514 -21.62 24.61 -16.73
C ALA A 514 -22.39 23.33 -16.43
N ARG A 515 -23.72 23.40 -16.58
CA ARG A 515 -24.58 22.23 -16.59
C ARG A 515 -25.57 22.36 -17.75
N ALA A 516 -25.95 21.22 -18.33
CA ALA A 516 -27.03 21.16 -19.31
C ALA A 516 -28.12 20.25 -18.76
N GLU A 517 -29.20 20.86 -18.26
CA GLU A 517 -30.24 20.16 -17.54
C GLU A 517 -31.29 19.62 -18.50
N VAL A 518 -31.79 18.42 -18.20
CA VAL A 518 -32.90 17.82 -18.93
C VAL A 518 -34.00 17.49 -17.91
N GLU A 519 -35.23 17.29 -18.41
CA GLU A 519 -36.38 17.12 -17.54
C GLU A 519 -36.84 15.66 -17.55
N ILE A 520 -35.90 14.73 -17.84
CA ILE A 520 -36.17 13.30 -17.82
C ILE A 520 -35.04 12.60 -17.09
N ASN A 521 -35.32 11.37 -16.60
CA ASN A 521 -34.33 10.58 -15.90
C ASN A 521 -33.34 10.02 -16.92
N ILE A 522 -32.10 9.79 -16.47
CA ILE A 522 -31.10 9.08 -17.25
C ILE A 522 -30.56 7.95 -16.38
N PRO A 523 -30.67 6.67 -16.80
CA PRO A 523 -30.12 5.56 -16.02
C PRO A 523 -28.59 5.52 -16.10
N VAL A 524 -28.01 4.58 -15.35
CA VAL A 524 -26.56 4.43 -15.26
C VAL A 524 -25.99 4.20 -16.66
N THR A 525 -24.83 4.83 -16.92
CA THR A 525 -24.01 4.52 -18.08
C THR A 525 -22.63 4.10 -17.60
N PHE A 526 -21.97 3.26 -18.40
CA PHE A 526 -20.67 2.69 -18.03
C PHE A 526 -19.57 3.50 -18.70
N HIS A 527 -19.45 3.37 -20.02
CA HIS A 527 -18.35 3.95 -20.76
C HIS A 527 -18.86 4.70 -21.99
N GLY A 528 -17.97 5.45 -22.61
CA GLY A 528 -18.28 6.20 -23.81
C GLY A 528 -17.07 6.96 -24.33
N LEU A 529 -17.34 7.94 -25.21
CA LEU A 529 -16.28 8.73 -25.82
C LEU A 529 -16.84 10.10 -26.21
N PHE A 530 -15.91 11.03 -26.46
CA PHE A 530 -16.26 12.31 -27.04
C PHE A 530 -15.80 12.32 -28.49
N LYS A 531 -16.75 12.48 -29.41
CA LYS A 531 -16.49 12.53 -30.83
C LYS A 531 -16.48 13.99 -31.26
N LYS A 532 -15.29 14.50 -31.62
CA LYS A 532 -15.14 15.89 -32.02
C LYS A 532 -15.69 16.07 -33.44
N SER A 533 -16.32 17.21 -33.69
CA SER A 533 -16.85 17.53 -35.02
C SER A 533 -16.49 18.98 -35.38
N SER B 2 10.97 21.62 -4.65
CA SER B 2 11.82 20.74 -3.80
C SER B 2 11.37 19.29 -3.94
N SER B 3 12.34 18.37 -3.89
CA SER B 3 12.08 16.94 -3.96
C SER B 3 13.11 16.18 -3.13
N GLN B 4 14.15 15.65 -3.79
CA GLN B 4 15.17 14.87 -3.14
C GLN B 4 16.10 15.80 -2.37
N VAL B 5 16.28 15.53 -1.07
CA VAL B 5 17.25 16.25 -0.26
C VAL B 5 18.60 15.57 -0.42
N GLU B 6 19.65 16.38 -0.62
CA GLU B 6 20.99 15.86 -0.91
C GLU B 6 21.92 16.20 0.25
N HIS B 7 22.97 15.39 0.43
CA HIS B 7 23.94 15.58 1.50
C HIS B 7 25.36 15.45 0.94
N PRO B 8 25.74 16.27 -0.06
CA PRO B 8 27.06 16.15 -0.70
C PRO B 8 28.25 16.40 0.25
N ALA B 9 28.05 17.25 1.27
CA ALA B 9 29.10 17.60 2.20
C ALA B 9 29.51 16.43 3.08
N GLY B 10 28.62 15.44 3.22
CA GLY B 10 28.99 14.14 3.78
C GLY B 10 29.13 14.16 5.30
N GLY B 11 28.41 15.08 5.97
CA GLY B 11 28.52 15.26 7.41
C GLY B 11 28.06 14.04 8.21
N TYR B 12 27.20 13.21 7.60
CA TYR B 12 26.65 12.03 8.24
C TYR B 12 27.75 11.05 8.66
N LYS B 13 28.96 11.20 8.10
CA LYS B 13 30.08 10.34 8.45
C LYS B 13 30.44 10.46 9.92
N LYS B 14 30.15 11.62 10.54
CA LYS B 14 30.46 11.86 11.94
C LYS B 14 29.60 10.99 12.88
N LEU B 15 28.48 10.45 12.37
CA LEU B 15 27.67 9.51 13.12
C LEU B 15 28.47 8.24 13.43
N PHE B 16 29.48 7.94 12.60
CA PHE B 16 30.19 6.67 12.64
C PHE B 16 31.67 6.88 12.98
N GLU B 17 31.95 7.91 13.78
CA GLU B 17 33.32 8.26 14.14
C GLU B 17 33.50 8.15 15.65
N THR B 18 34.60 7.52 16.07
CA THR B 18 34.88 7.27 17.48
C THR B 18 34.91 8.59 18.25
N VAL B 19 34.49 8.53 19.52
CA VAL B 19 34.58 9.64 20.43
C VAL B 19 35.17 9.13 21.74
N GLU B 20 35.56 10.07 22.62
CA GLU B 20 36.01 9.75 23.96
C GLU B 20 34.88 10.05 24.94
N GLU B 21 34.79 9.25 26.01
CA GLU B 21 33.85 9.50 27.08
C GLU B 21 34.28 10.75 27.85
N LEU B 22 33.36 11.29 28.65
CA LEU B 22 33.64 12.42 29.52
C LEU B 22 33.91 11.91 30.93
N SER B 23 34.65 12.70 31.71
CA SER B 23 34.91 12.40 33.11
C SER B 23 33.73 12.87 33.96
N SER B 24 33.14 14.01 33.59
CA SER B 24 31.95 14.51 34.26
C SER B 24 31.10 15.33 33.28
N PRO B 25 29.82 15.64 33.61
CA PRO B 25 28.93 16.32 32.66
C PRO B 25 29.36 17.73 32.23
N LEU B 26 29.08 18.05 30.96
CA LEU B 26 29.28 19.38 30.41
C LEU B 26 27.98 20.17 30.51
N THR B 27 28.08 21.50 30.65
CA THR B 27 26.95 22.39 30.48
C THR B 27 26.75 22.61 28.99
N ALA B 28 25.47 22.67 28.57
CA ALA B 28 25.13 22.87 27.16
C ALA B 28 24.56 24.27 26.99
N HIS B 29 24.93 24.92 25.88
CA HIS B 29 24.45 26.25 25.57
C HIS B 29 23.02 26.16 25.02
N VAL B 30 22.07 26.74 25.76
CA VAL B 30 20.67 26.72 25.39
C VAL B 30 20.38 27.86 24.41
N THR B 31 19.68 27.53 23.32
CA THR B 31 18.99 28.52 22.49
C THR B 31 17.50 28.19 22.53
N GLY B 32 16.66 29.21 22.40
CA GLY B 32 15.23 29.05 22.62
C GLY B 32 14.94 28.87 24.12
N ARG B 33 13.88 28.12 24.44
CA ARG B 33 13.45 27.95 25.82
C ARG B 33 13.21 26.47 26.10
N ILE B 34 14.03 25.89 26.98
CA ILE B 34 13.81 24.54 27.49
C ILE B 34 12.57 24.59 28.38
N PRO B 35 11.54 23.74 28.13
CA PRO B 35 10.34 23.74 28.98
C PRO B 35 10.69 23.56 30.45
N LEU B 36 10.05 24.35 31.32
CA LEU B 36 10.39 24.37 32.73
C LEU B 36 9.80 23.15 33.44
N TRP B 37 8.80 22.51 32.82
CA TRP B 37 8.22 21.28 33.34
C TRP B 37 9.07 20.07 32.97
N LEU B 38 10.02 20.24 32.04
CA LEU B 38 10.86 19.14 31.59
C LEU B 38 11.98 18.91 32.61
N THR B 39 11.81 17.90 33.45
CA THR B 39 12.75 17.59 34.52
C THR B 39 13.04 16.10 34.49
N GLY B 40 14.31 15.74 34.26
CA GLY B 40 14.71 14.35 34.18
C GLY B 40 15.90 14.15 33.24
N SER B 41 16.07 12.90 32.81
CA SER B 41 17.25 12.47 32.06
C SER B 41 16.82 11.76 30.78
N LEU B 42 17.32 12.26 29.63
CA LEU B 42 17.25 11.52 28.38
C LEU B 42 18.45 10.58 28.33
N LEU B 43 18.18 9.27 28.44
CA LEU B 43 19.21 8.26 28.37
C LEU B 43 19.12 7.56 27.01
N ARG B 44 20.26 7.42 26.32
CA ARG B 44 20.30 6.81 24.99
C ARG B 44 21.56 5.97 24.84
N CYS B 45 21.47 4.91 24.03
CA CYS B 45 22.58 4.01 23.77
C CYS B 45 22.94 4.02 22.28
N GLY B 46 24.23 3.85 22.02
CA GLY B 46 24.74 3.73 20.65
C GLY B 46 26.21 3.33 20.65
N PRO B 47 26.78 2.98 19.48
CA PRO B 47 28.22 2.71 19.38
C PRO B 47 29.00 4.00 19.54
N GLY B 48 30.16 3.90 20.19
CA GLY B 48 31.01 5.06 20.44
C GLY B 48 32.47 4.81 20.03
N LEU B 49 32.86 3.53 19.92
CA LEU B 49 34.21 3.14 19.56
C LEU B 49 34.15 2.17 18.37
N PHE B 50 34.59 2.63 17.19
CA PHE B 50 34.38 1.91 15.95
C PHE B 50 35.63 1.17 15.50
N GLU B 51 36.69 1.22 16.33
CA GLU B 51 37.88 0.43 16.09
C GLU B 51 38.65 0.30 17.41
N VAL B 52 39.34 -0.84 17.57
CA VAL B 52 40.23 -1.07 18.69
C VAL B 52 41.66 -1.02 18.15
N GLY B 53 42.27 0.17 18.23
CA GLY B 53 43.58 0.41 17.65
C GLY B 53 43.51 0.41 16.13
N SER B 54 44.14 -0.59 15.51
CA SER B 54 44.17 -0.73 14.06
C SER B 54 43.18 -1.79 13.58
N GLU B 55 42.49 -2.46 14.52
CA GLU B 55 41.48 -3.44 14.19
C GLU B 55 40.12 -2.75 14.09
N PRO B 56 39.48 -2.73 12.90
CA PRO B 56 38.20 -2.04 12.73
C PRO B 56 37.00 -2.93 13.06
N PHE B 57 35.91 -2.28 13.49
CA PHE B 57 34.59 -2.90 13.47
C PHE B 57 33.99 -2.62 12.09
N TYR B 58 33.25 -3.60 11.55
CA TYR B 58 32.77 -3.53 10.18
C TYR B 58 31.32 -3.05 10.09
N HIS B 59 30.48 -3.44 11.06
CA HIS B 59 29.04 -3.23 10.96
C HIS B 59 28.58 -2.13 11.91
N LEU B 60 27.43 -1.53 11.57
CA LEU B 60 26.81 -0.47 12.36
C LEU B 60 26.56 -0.93 13.81
N PHE B 61 26.32 -2.23 14.00
CA PHE B 61 25.93 -2.74 15.32
C PHE B 61 27.10 -3.40 16.03
N ASP B 62 28.33 -2.99 15.71
CA ASP B 62 29.54 -3.61 16.24
C ASP B 62 30.25 -2.70 17.23
N GLY B 63 30.20 -1.39 17.00
CA GLY B 63 30.89 -0.42 17.85
C GLY B 63 30.49 -0.57 19.32
N GLN B 64 31.41 -0.19 20.22
CA GLN B 64 31.28 -0.49 21.63
C GLN B 64 30.27 0.46 22.28
N ALA B 65 29.41 -0.11 23.13
CA ALA B 65 28.27 0.60 23.70
C ALA B 65 28.73 1.84 24.46
N LEU B 66 28.08 2.97 24.13
CA LEU B 66 28.27 4.25 24.78
C LEU B 66 26.92 4.72 25.32
N LEU B 67 26.88 5.02 26.63
CA LEU B 67 25.67 5.47 27.28
C LEU B 67 25.69 6.99 27.40
N HIS B 68 24.66 7.64 26.87
CA HIS B 68 24.56 9.09 26.83
C HIS B 68 23.47 9.56 27.78
N LYS B 69 23.61 10.80 28.27
CA LYS B 69 22.61 11.38 29.16
C LYS B 69 22.57 12.89 28.98
N PHE B 70 21.37 13.40 28.68
CA PHE B 70 21.07 14.82 28.79
C PHE B 70 20.17 15.01 30.01
N ASP B 71 20.59 15.87 30.95
CA ASP B 71 19.82 16.19 32.13
C ASP B 71 19.13 17.53 31.94
N PHE B 72 17.86 17.59 32.34
CA PHE B 72 17.05 18.80 32.25
C PHE B 72 16.60 19.21 33.64
N LYS B 73 16.82 20.50 33.97
CA LYS B 73 16.36 21.06 35.23
C LYS B 73 16.30 22.58 35.12
N GLU B 74 15.10 23.15 35.37
CA GLU B 74 14.90 24.59 35.48
C GLU B 74 15.43 25.32 34.25
N GLY B 75 15.31 24.69 33.08
CA GLY B 75 15.63 25.33 31.82
C GLY B 75 17.10 25.23 31.42
N HIS B 76 17.88 24.44 32.17
N HIS B 76 17.92 24.49 32.19
CA HIS B 76 19.30 24.25 31.93
CA HIS B 76 19.31 24.28 31.85
C HIS B 76 19.56 22.79 31.60
C HIS B 76 19.56 22.80 31.60
N VAL B 77 20.61 22.53 30.82
CA VAL B 77 20.88 21.20 30.27
C VAL B 77 22.36 20.85 30.46
N THR B 78 22.62 19.62 30.90
CA THR B 78 23.96 19.07 30.89
C THR B 78 23.99 17.86 29.98
N TYR B 79 25.21 17.51 29.53
CA TYR B 79 25.44 16.33 28.71
C TYR B 79 26.57 15.52 29.34
N HIS B 80 26.42 14.19 29.32
CA HIS B 80 27.42 13.29 29.87
C HIS B 80 27.38 11.99 29.06
N ARG B 81 28.53 11.32 28.97
CA ARG B 81 28.59 10.02 28.32
C ARG B 81 29.71 9.18 28.94
N ARG B 82 29.46 7.87 29.01
CA ARG B 82 30.41 6.90 29.52
C ARG B 82 30.26 5.61 28.72
N PHE B 83 31.39 5.02 28.32
CA PHE B 83 31.37 3.68 27.74
C PHE B 83 30.87 2.70 28.80
N ILE B 84 30.05 1.74 28.36
CA ILE B 84 29.57 0.69 29.24
C ILE B 84 30.70 -0.32 29.41
N ARG B 85 31.03 -0.65 30.66
CA ARG B 85 32.10 -1.57 30.96
C ARG B 85 31.59 -3.00 30.82
N THR B 86 31.35 -3.41 29.57
CA THR B 86 30.96 -4.79 29.26
C THR B 86 32.23 -5.64 29.24
N ASP B 87 32.03 -6.97 29.19
CA ASP B 87 33.14 -7.89 28.93
C ASP B 87 33.81 -7.52 27.61
N ALA B 88 33.01 -7.21 26.59
CA ALA B 88 33.52 -6.90 25.27
C ALA B 88 34.44 -5.68 25.32
N TYR B 89 34.03 -4.65 26.07
CA TYR B 89 34.77 -3.40 26.13
C TYR B 89 36.01 -3.57 27.02
N VAL B 90 35.81 -4.15 28.21
CA VAL B 90 36.86 -4.28 29.21
C VAL B 90 38.01 -5.13 28.65
N ARG B 91 37.66 -6.27 28.05
CA ARG B 91 38.66 -7.18 27.51
C ARG B 91 39.36 -6.56 26.30
N ALA B 92 38.63 -5.72 25.55
CA ALA B 92 39.22 -5.01 24.42
C ALA B 92 40.26 -4.00 24.92
N MET B 93 39.95 -3.29 26.01
CA MET B 93 40.84 -2.30 26.57
C MET B 93 42.05 -3.00 27.20
N THR B 94 41.83 -4.19 27.75
CA THR B 94 42.88 -4.98 28.39
C THR B 94 43.87 -5.48 27.35
N GLU B 95 43.36 -6.18 26.32
CA GLU B 95 44.21 -6.87 25.36
C GLU B 95 44.57 -5.96 24.18
N LYS B 96 43.98 -4.77 24.12
CA LYS B 96 44.23 -3.80 23.06
C LYS B 96 43.95 -4.42 21.69
N ARG B 97 42.82 -5.14 21.59
CA ARG B 97 42.37 -5.72 20.35
C ARG B 97 40.90 -6.13 20.49
N ILE B 98 40.30 -6.62 19.40
CA ILE B 98 38.94 -7.12 19.43
C ILE B 98 38.95 -8.55 19.96
N VAL B 99 38.32 -8.75 21.12
CA VAL B 99 38.35 -10.03 21.82
C VAL B 99 37.06 -10.81 21.56
N ILE B 100 35.91 -10.14 21.67
CA ILE B 100 34.61 -10.79 21.49
C ILE B 100 34.10 -10.50 20.08
N THR B 101 33.60 -11.55 19.41
CA THR B 101 32.97 -11.41 18.10
C THR B 101 31.71 -10.54 18.25
N GLU B 102 31.61 -9.51 17.41
CA GLU B 102 30.44 -8.66 17.36
C GLU B 102 29.56 -9.09 16.18
N PHE B 103 28.40 -8.43 16.04
CA PHE B 103 27.39 -8.79 15.06
C PHE B 103 28.04 -9.08 13.70
N GLY B 104 28.85 -8.13 13.20
CA GLY B 104 29.43 -8.25 11.87
C GLY B 104 30.96 -8.13 11.87
N THR B 105 31.60 -8.45 13.01
CA THR B 105 33.05 -8.44 13.11
C THR B 105 33.51 -9.67 13.90
N CYS B 106 34.16 -10.61 13.21
N CYS B 106 34.16 -10.62 13.22
CA CYS B 106 34.75 -11.77 13.86
CA CYS B 106 34.70 -11.79 13.89
C CYS B 106 36.00 -11.35 14.62
C CYS B 106 36.01 -11.43 14.59
N ALA B 107 36.15 -11.89 15.84
CA ALA B 107 37.37 -11.71 16.61
C ALA B 107 38.31 -12.87 16.32
N PHE B 108 39.58 -12.55 16.05
CA PHE B 108 40.59 -13.57 15.78
C PHE B 108 41.52 -13.64 16.99
N PRO B 109 42.03 -14.84 17.36
CA PRO B 109 42.95 -14.98 18.49
C PRO B 109 44.39 -14.59 18.12
N GLY B 125 33.69 -21.42 25.65
CA GLY B 125 33.92 -21.58 24.21
C GLY B 125 33.23 -20.48 23.40
N VAL B 126 31.90 -20.59 23.29
CA VAL B 126 31.09 -19.63 22.55
C VAL B 126 30.92 -18.38 23.41
N GLU B 127 31.81 -17.40 23.23
CA GLU B 127 31.75 -16.15 23.97
C GLU B 127 30.79 -15.18 23.26
N VAL B 128 29.55 -15.11 23.75
CA VAL B 128 28.51 -14.28 23.17
C VAL B 128 28.70 -12.84 23.65
N THR B 129 28.49 -11.88 22.73
CA THR B 129 28.73 -10.48 23.00
C THR B 129 27.70 -9.96 24.01
N ASP B 130 28.16 -9.03 24.86
CA ASP B 130 27.30 -8.29 25.77
C ASP B 130 27.41 -6.80 25.47
N ASN B 131 27.83 -6.48 24.24
CA ASN B 131 27.94 -5.10 23.78
C ASN B 131 26.53 -4.49 23.72
N ALA B 132 26.16 -3.78 24.80
CA ALA B 132 24.79 -3.32 25.00
C ALA B 132 24.59 -1.95 24.39
N LEU B 133 24.64 -1.87 23.05
CA LEU B 133 24.69 -0.59 22.35
C LEU B 133 23.31 -0.14 21.85
N VAL B 134 22.25 -0.93 22.12
CA VAL B 134 21.00 -0.77 21.40
C VAL B 134 20.00 0.07 22.20
N ASN B 135 19.73 -0.33 23.46
CA ASN B 135 18.65 0.28 24.22
C ASN B 135 18.92 0.19 25.72
N ILE B 136 18.09 0.88 26.50
CA ILE B 136 18.11 0.83 27.95
C ILE B 136 16.66 0.86 28.44
N TYR B 137 16.35 0.05 29.47
CA TYR B 137 14.99 -0.03 29.97
C TYR B 137 14.97 -0.34 31.47
N PRO B 138 13.91 0.09 32.19
CA PRO B 138 13.78 -0.19 33.63
C PRO B 138 13.24 -1.57 33.95
N VAL B 139 13.82 -2.18 34.99
CA VAL B 139 13.30 -3.38 35.62
C VAL B 139 13.33 -3.14 37.13
N GLY B 140 12.15 -3.15 37.77
CA GLY B 140 12.02 -2.73 39.14
C GLY B 140 12.55 -1.30 39.31
N GLU B 141 13.53 -1.10 40.21
CA GLU B 141 14.13 0.20 40.44
C GLU B 141 15.45 0.33 39.68
N ASP B 142 15.78 -0.67 38.85
CA ASP B 142 17.05 -0.73 38.16
C ASP B 142 16.86 -0.37 36.68
N TYR B 143 17.98 -0.09 36.00
CA TYR B 143 18.01 0.17 34.57
C TYR B 143 19.04 -0.74 33.92
N TYR B 144 18.67 -1.31 32.76
CA TYR B 144 19.50 -2.26 32.05
C TYR B 144 19.71 -1.77 30.62
N ALA B 145 20.97 -1.60 30.23
CA ALA B 145 21.35 -1.49 28.83
C ALA B 145 21.33 -2.89 28.22
N CYS B 146 21.05 -2.98 26.91
CA CYS B 146 20.92 -4.27 26.27
C CYS B 146 21.36 -4.22 24.81
N THR B 147 21.69 -5.41 24.29
CA THR B 147 21.70 -5.69 22.86
C THR B 147 20.59 -6.72 22.63
N GLU B 148 20.86 -7.79 21.88
CA GLU B 148 19.84 -8.77 21.56
C GLU B 148 20.26 -10.19 21.96
N THR B 149 21.20 -10.29 22.90
CA THR B 149 21.71 -11.58 23.35
C THR B 149 21.12 -11.89 24.72
N ASN B 150 21.70 -12.90 25.39
CA ASN B 150 21.25 -13.31 26.71
C ASN B 150 21.81 -12.40 27.81
N PHE B 151 22.78 -11.55 27.45
CA PHE B 151 23.45 -10.70 28.43
C PHE B 151 22.88 -9.28 28.38
N ILE B 152 22.41 -8.79 29.54
CA ILE B 152 22.05 -7.39 29.71
C ILE B 152 22.91 -6.80 30.82
N THR B 153 23.11 -5.48 30.77
CA THR B 153 24.05 -4.81 31.67
C THR B 153 23.31 -3.79 32.53
N LYS B 154 23.32 -4.03 33.85
CA LYS B 154 22.77 -3.08 34.82
C LYS B 154 23.66 -1.84 34.87
N VAL B 155 23.03 -0.66 34.81
CA VAL B 155 23.77 0.60 34.77
C VAL B 155 23.14 1.58 35.75
N ASN B 156 23.96 2.54 36.20
CA ASN B 156 23.52 3.59 37.11
C ASN B 156 23.03 4.77 36.26
N PRO B 157 21.73 5.11 36.31
CA PRO B 157 21.19 6.16 35.42
C PRO B 157 21.64 7.58 35.75
N GLU B 158 22.29 7.76 36.92
CA GLU B 158 22.72 9.08 37.37
C GLU B 158 24.21 9.30 37.06
N THR B 159 25.04 8.28 37.30
CA THR B 159 26.48 8.41 37.12
C THR B 159 26.92 7.79 35.79
N LEU B 160 26.08 6.88 35.24
CA LEU B 160 26.36 6.16 34.01
C LEU B 160 27.44 5.10 34.24
N GLU B 161 27.64 4.70 35.51
CA GLU B 161 28.58 3.65 35.84
C GLU B 161 27.96 2.30 35.54
N THR B 162 28.80 1.34 35.13
CA THR B 162 28.37 -0.03 34.89
C THR B 162 28.34 -0.77 36.22
N ILE B 163 27.23 -1.45 36.51
CA ILE B 163 27.04 -2.08 37.81
C ILE B 163 27.32 -3.58 37.70
N LYS B 164 26.65 -4.27 36.78
CA LYS B 164 26.68 -5.72 36.74
C LYS B 164 26.27 -6.25 35.38
N GLN B 165 26.79 -7.45 35.03
CA GLN B 165 26.33 -8.21 33.90
C GLN B 165 25.31 -9.24 34.39
N VAL B 166 24.20 -9.39 33.66
CA VAL B 166 23.14 -10.32 34.01
C VAL B 166 22.95 -11.26 32.83
N ASP B 167 22.94 -12.57 33.11
CA ASP B 167 22.68 -13.59 32.12
C ASP B 167 21.25 -14.09 32.30
N LEU B 168 20.40 -13.84 31.29
CA LEU B 168 18.99 -14.18 31.36
C LEU B 168 18.80 -15.70 31.38
N CYS B 169 19.79 -16.44 30.84
CA CYS B 169 19.73 -17.90 30.81
C CYS B 169 19.79 -18.49 32.21
N ASN B 170 20.29 -17.71 33.18
CA ASN B 170 20.30 -18.13 34.58
C ASN B 170 18.89 -18.15 35.16
N TYR B 171 17.94 -17.47 34.50
CA TYR B 171 16.62 -17.24 35.07
C TYR B 171 15.53 -17.89 34.22
N VAL B 172 15.63 -17.82 32.88
CA VAL B 172 14.57 -18.29 32.02
C VAL B 172 15.16 -18.97 30.79
N SER B 173 14.32 -19.77 30.12
CA SER B 173 14.72 -20.57 28.98
C SER B 173 14.57 -19.77 27.69
N VAL B 174 15.60 -18.96 27.37
CA VAL B 174 15.69 -18.23 26.11
C VAL B 174 17.15 -18.16 25.71
N ASN B 175 17.41 -18.16 24.40
CA ASN B 175 18.77 -18.03 23.88
C ASN B 175 19.17 -16.56 23.82
N GLY B 176 18.18 -15.69 23.65
CA GLY B 176 18.38 -14.25 23.69
C GLY B 176 17.04 -13.55 23.94
N ALA B 177 17.06 -12.21 23.93
CA ALA B 177 15.84 -11.43 24.03
C ALA B 177 16.05 -10.10 23.31
N THR B 178 14.95 -9.48 22.85
CA THR B 178 15.05 -8.30 22.02
C THR B 178 15.47 -7.12 22.88
N ALA B 179 15.82 -6.01 22.21
CA ALA B 179 16.14 -4.76 22.86
C ALA B 179 14.88 -3.89 22.99
N HIS B 180 13.71 -4.48 22.70
CA HIS B 180 12.45 -3.74 22.71
C HIS B 180 11.43 -4.46 23.59
N PRO B 181 11.69 -4.60 24.90
CA PRO B 181 10.67 -5.10 25.81
C PRO B 181 9.54 -4.09 25.92
N HIS B 182 8.31 -4.60 26.10
CA HIS B 182 7.19 -3.76 26.46
C HIS B 182 7.15 -3.62 27.98
N ILE B 183 6.74 -2.44 28.44
CA ILE B 183 6.70 -2.14 29.86
C ILE B 183 5.34 -1.56 30.21
N GLU B 184 4.56 -2.34 30.97
CA GLU B 184 3.26 -1.90 31.44
C GLU B 184 3.43 -0.81 32.50
N ASN B 185 2.34 -0.12 32.84
CA ASN B 185 2.39 1.03 33.71
C ASN B 185 2.79 0.63 35.13
N ASP B 186 2.45 -0.60 35.55
CA ASP B 186 2.78 -1.07 36.88
C ASP B 186 4.25 -1.50 36.97
N GLY B 187 4.94 -1.62 35.83
CA GLY B 187 6.36 -1.93 35.80
C GLY B 187 6.64 -3.34 35.29
N THR B 188 5.59 -4.11 35.00
CA THR B 188 5.73 -5.42 34.41
C THR B 188 6.43 -5.28 33.05
N VAL B 189 7.41 -6.17 32.81
CA VAL B 189 8.18 -6.16 31.58
C VAL B 189 7.87 -7.44 30.81
N TYR B 190 7.57 -7.29 29.51
CA TYR B 190 7.39 -8.42 28.61
C TYR B 190 8.48 -8.35 27.55
N ASN B 191 9.01 -9.51 27.15
CA ASN B 191 9.98 -9.58 26.07
C ASN B 191 9.81 -10.92 25.36
N ILE B 192 10.47 -11.05 24.20
CA ILE B 192 10.42 -12.27 23.41
C ILE B 192 11.84 -12.66 23.03
N GLY B 193 12.06 -13.97 22.88
CA GLY B 193 13.33 -14.50 22.42
C GLY B 193 13.18 -15.92 21.89
N ASN B 194 14.09 -16.33 20.99
N ASN B 194 14.10 -16.33 21.00
CA ASN B 194 14.10 -17.68 20.44
CA ASN B 194 14.08 -17.68 20.46
C ASN B 194 14.54 -18.64 21.56
C ASN B 194 14.55 -18.65 21.55
N CYS B 195 14.04 -19.89 21.49
CA CYS B 195 14.30 -20.90 22.49
C CYS B 195 14.21 -22.28 21.85
N PHE B 196 14.48 -23.32 22.67
CA PHE B 196 14.25 -24.70 22.27
C PHE B 196 12.96 -25.18 22.91
N GLY B 197 12.01 -25.64 22.09
CA GLY B 197 10.71 -26.08 22.59
C GLY B 197 9.95 -26.88 21.54
N ASN B 199 8.88 -32.15 21.52
CA ASN B 199 9.78 -32.13 20.32
C ASN B 199 11.05 -31.36 20.65
N PHE B 200 12.12 -31.65 19.90
CA PHE B 200 13.32 -30.83 19.89
C PHE B 200 13.23 -29.88 18.70
N SER B 201 12.26 -28.97 18.77
CA SER B 201 12.04 -27.94 17.76
C SER B 201 12.39 -26.56 18.35
N ILE B 202 12.66 -25.60 17.46
CA ILE B 202 12.86 -24.22 17.87
C ILE B 202 11.50 -23.59 18.13
N ALA B 203 11.46 -22.60 19.02
CA ALA B 203 10.24 -21.87 19.31
C ALA B 203 10.62 -20.47 19.79
N TYR B 204 9.59 -19.64 20.07
CA TYR B 204 9.81 -18.32 20.62
C TYR B 204 9.04 -18.21 21.93
N ASN B 205 9.73 -17.76 22.99
CA ASN B 205 9.15 -17.66 24.32
C ASN B 205 8.92 -16.20 24.68
N ILE B 206 7.77 -15.93 25.28
CA ILE B 206 7.50 -14.63 25.89
C ILE B 206 7.94 -14.69 27.35
N VAL B 207 8.85 -13.77 27.71
CA VAL B 207 9.33 -13.66 29.09
C VAL B 207 8.53 -12.57 29.79
N LYS B 208 8.21 -12.80 31.05
CA LYS B 208 7.51 -11.83 31.88
C LYS B 208 8.33 -11.56 33.15
N ILE B 209 8.71 -10.30 33.35
CA ILE B 209 9.40 -9.88 34.57
C ILE B 209 8.42 -9.05 35.39
N PRO B 210 8.07 -9.46 36.63
CA PRO B 210 7.08 -8.75 37.42
C PRO B 210 7.57 -7.40 37.96
N PRO B 211 6.67 -6.53 38.47
CA PRO B 211 7.09 -5.30 39.14
C PRO B 211 7.82 -5.63 40.44
N LEU B 212 8.54 -4.64 40.98
CA LEU B 212 9.18 -4.79 42.28
C LEU B 212 8.09 -4.92 43.33
N GLN B 213 8.16 -6.00 44.12
CA GLN B 213 7.17 -6.29 45.16
C GLN B 213 7.65 -5.68 46.49
N ALA B 214 6.84 -5.87 47.53
CA ALA B 214 7.16 -5.38 48.86
C ALA B 214 8.37 -6.10 49.44
N ASP B 215 8.57 -7.37 49.04
CA ASP B 215 9.67 -8.18 49.54
C ASP B 215 11.01 -7.62 49.04
N LYS B 216 10.97 -6.84 47.95
CA LYS B 216 12.09 -6.06 47.48
C LYS B 216 13.17 -6.94 46.83
N GLU B 217 12.82 -8.19 46.50
CA GLU B 217 13.75 -9.09 45.83
C GLU B 217 13.87 -8.67 44.37
N ASP B 218 15.00 -9.01 43.74
CA ASP B 218 15.26 -8.68 42.34
C ASP B 218 14.17 -9.29 41.48
N PRO B 219 13.39 -8.47 40.72
CA PRO B 219 12.35 -8.99 39.84
C PRO B 219 12.80 -10.01 38.78
N ILE B 220 14.07 -9.95 38.36
CA ILE B 220 14.60 -10.85 37.35
C ILE B 220 14.62 -12.28 37.88
N SER B 221 14.78 -12.43 39.20
CA SER B 221 14.78 -13.75 39.83
C SER B 221 13.37 -14.35 39.88
N LYS B 222 12.35 -13.55 39.53
CA LYS B 222 10.97 -14.02 39.47
C LYS B 222 10.49 -14.10 38.02
N SER B 223 11.42 -14.11 37.06
CA SER B 223 11.10 -14.20 35.65
C SER B 223 10.44 -15.55 35.36
N GLU B 224 9.62 -15.58 34.30
CA GLU B 224 8.90 -16.78 33.90
C GLU B 224 8.50 -16.68 32.43
N ILE B 225 8.38 -17.84 31.78
CA ILE B 225 7.83 -17.94 30.44
C ILE B 225 6.30 -18.03 30.57
N VAL B 226 5.58 -17.13 29.92
CA VAL B 226 4.12 -17.08 30.01
C VAL B 226 3.49 -17.81 28.84
N VAL B 227 4.07 -17.67 27.63
CA VAL B 227 3.51 -18.33 26.46
C VAL B 227 4.62 -18.57 25.43
N GLN B 228 4.39 -19.55 24.56
CA GLN B 228 5.35 -19.93 23.53
C GLN B 228 4.68 -19.85 22.16
N PHE B 229 5.39 -19.25 21.20
CA PHE B 229 4.96 -19.21 19.81
C PHE B 229 5.69 -20.31 19.04
N PRO B 230 5.02 -21.01 18.10
CA PRO B 230 5.69 -22.02 17.27
C PRO B 230 6.55 -21.35 16.20
N CYS B 231 7.42 -22.16 15.57
CA CYS B 231 8.33 -21.67 14.54
C CYS B 231 7.96 -22.29 13.20
N SER B 232 8.13 -21.51 12.13
CA SER B 232 7.75 -21.92 10.78
C SER B 232 8.69 -23.00 10.27
N ASP B 233 9.94 -22.96 10.75
CA ASP B 233 10.98 -23.89 10.35
C ASP B 233 11.51 -24.57 11.61
N ARG B 234 11.67 -25.89 11.54
CA ARG B 234 12.00 -26.69 12.71
C ARG B 234 13.33 -26.26 13.31
N PHE B 235 14.30 -25.89 12.45
CA PHE B 235 15.67 -25.67 12.88
C PHE B 235 16.13 -24.23 12.65
N LYS B 236 15.24 -23.36 12.17
CA LYS B 236 15.64 -22.00 11.82
C LYS B 236 14.61 -21.01 12.37
N PRO B 237 14.93 -20.31 13.48
CA PRO B 237 14.06 -19.24 13.97
C PRO B 237 14.19 -18.01 13.08
N SER B 238 13.11 -17.24 12.97
CA SER B 238 13.17 -15.93 12.35
C SER B 238 13.87 -14.98 13.30
N TYR B 239 14.57 -14.00 12.71
CA TYR B 239 15.07 -12.87 13.47
C TYR B 239 13.87 -12.05 13.96
N VAL B 240 13.87 -11.73 15.26
CA VAL B 240 12.81 -10.93 15.84
C VAL B 240 13.44 -9.76 16.58
N HIS B 241 13.00 -8.55 16.25
CA HIS B 241 13.57 -7.32 16.78
C HIS B 241 12.62 -6.68 17.79
N SER B 242 11.31 -6.89 17.61
CA SER B 242 10.29 -6.33 18.48
C SER B 242 9.00 -7.13 18.33
N PHE B 243 7.98 -6.76 19.11
CA PHE B 243 6.69 -7.44 19.07
C PHE B 243 5.61 -6.48 19.56
N GLY B 244 4.35 -6.89 19.43
CA GLY B 244 3.21 -6.07 19.79
C GLY B 244 2.55 -6.55 21.08
N LEU B 245 1.97 -5.62 21.84
CA LEU B 245 1.30 -5.93 23.09
C LEU B 245 0.09 -5.03 23.26
N THR B 246 -1.06 -5.65 23.57
CA THR B 246 -2.26 -4.94 23.96
C THR B 246 -2.65 -5.43 25.36
N PRO B 247 -3.69 -4.87 26.00
CA PRO B 247 -4.17 -5.39 27.28
C PRO B 247 -4.44 -6.89 27.29
N ASN B 248 -4.90 -7.42 26.15
CA ASN B 248 -5.40 -8.79 26.09
C ASN B 248 -4.58 -9.68 25.16
N TYR B 249 -3.71 -9.11 24.32
CA TYR B 249 -3.07 -9.91 23.28
C TYR B 249 -1.59 -9.59 23.15
N ILE B 250 -0.84 -10.59 22.66
CA ILE B 250 0.55 -10.46 22.26
C ILE B 250 0.62 -10.77 20.77
N VAL B 251 1.26 -9.90 19.99
CA VAL B 251 1.38 -10.08 18.55
C VAL B 251 2.85 -10.27 18.21
N PHE B 252 3.14 -11.33 17.44
CA PHE B 252 4.47 -11.66 17.01
C PHE B 252 4.47 -11.82 15.49
N VAL B 253 5.42 -11.17 14.82
CA VAL B 253 5.51 -11.20 13.36
C VAL B 253 6.75 -12.00 12.97
N GLU B 254 6.52 -13.15 12.33
CA GLU B 254 7.58 -14.05 11.92
C GLU B 254 7.94 -13.77 10.47
N THR B 255 9.13 -13.18 10.24
CA THR B 255 9.53 -12.70 8.93
C THR B 255 10.39 -13.74 8.22
N PRO B 256 10.61 -13.61 6.90
CA PRO B 256 11.46 -14.56 6.17
C PRO B 256 12.97 -14.44 6.39
N VAL B 257 13.40 -13.50 7.24
CA VAL B 257 14.79 -13.40 7.65
C VAL B 257 15.06 -14.46 8.71
N LYS B 258 15.80 -15.51 8.33
CA LYS B 258 16.00 -16.69 9.17
C LYS B 258 17.44 -16.76 9.67
N ILE B 259 17.58 -17.33 10.87
CA ILE B 259 18.88 -17.60 11.48
C ILE B 259 19.20 -19.07 11.27
N ASN B 260 20.30 -19.35 10.56
CA ASN B 260 20.72 -20.71 10.29
C ASN B 260 21.62 -21.18 11.42
N LEU B 261 21.06 -21.99 12.33
CA LEU B 261 21.76 -22.43 13.53
C LEU B 261 22.86 -23.43 13.19
N PHE B 262 22.73 -24.12 12.05
CA PHE B 262 23.75 -25.05 11.58
C PHE B 262 25.05 -24.28 11.33
N LYS B 263 24.99 -23.26 10.46
CA LYS B 263 26.17 -22.47 10.15
C LYS B 263 26.30 -21.36 11.20
N GLY B 272 35.73 -18.90 11.89
CA GLY B 272 35.79 -17.42 11.92
C GLY B 272 34.53 -16.80 11.32
N ALA B 273 33.36 -17.17 11.86
CA ALA B 273 32.09 -16.62 11.44
C ALA B 273 31.58 -15.63 12.48
N ASN B 274 30.80 -14.65 12.03
CA ASN B 274 30.12 -13.72 12.90
C ASN B 274 28.62 -14.02 12.84
N TYR B 275 27.82 -13.20 13.53
CA TYR B 275 26.37 -13.41 13.60
C TYR B 275 25.76 -13.19 12.23
N MET B 276 26.20 -12.13 11.55
CA MET B 276 25.68 -11.73 10.25
C MET B 276 25.78 -12.88 9.24
N ASP B 277 26.83 -13.72 9.37
CA ASP B 277 27.05 -14.82 8.45
C ASP B 277 25.99 -15.93 8.61
N CYS B 278 25.20 -15.87 9.69
CA CYS B 278 24.25 -16.93 9.99
C CYS B 278 22.87 -16.64 9.39
N PHE B 279 22.63 -15.41 8.93
CA PHE B 279 21.32 -15.02 8.44
C PHE B 279 21.14 -15.49 7.01
N GLU B 280 19.90 -15.87 6.68
CA GLU B 280 19.50 -16.19 5.31
C GLU B 280 18.03 -15.81 5.13
N SER B 281 17.62 -15.65 3.87
CA SER B 281 16.26 -15.25 3.54
C SER B 281 15.50 -16.46 2.98
N ASN B 282 14.36 -16.77 3.59
CA ASN B 282 13.43 -17.76 3.05
C ASN B 282 12.59 -17.08 1.98
N GLU B 283 12.60 -17.64 0.77
CA GLU B 283 12.02 -16.98 -0.39
C GLU B 283 10.52 -17.26 -0.50
N THR B 284 10.02 -18.33 0.14
CA THR B 284 8.70 -18.86 -0.18
C THR B 284 7.69 -18.65 0.94
N MET B 285 8.13 -18.38 2.17
CA MET B 285 7.23 -18.41 3.32
C MET B 285 6.43 -17.10 3.45
N GLY B 286 6.96 -15.99 2.94
CA GLY B 286 6.38 -14.69 3.17
C GLY B 286 6.47 -14.32 4.66
N VAL B 287 5.41 -13.67 5.18
CA VAL B 287 5.36 -13.30 6.58
C VAL B 287 4.20 -14.05 7.25
N TRP B 288 4.48 -14.62 8.42
CA TRP B 288 3.48 -15.26 9.27
C TRP B 288 3.24 -14.39 10.50
N LEU B 289 1.98 -14.04 10.76
CA LEU B 289 1.65 -13.26 11.94
C LEU B 289 0.97 -14.18 12.96
N HIS B 290 1.31 -13.97 14.24
CA HIS B 290 0.87 -14.83 15.32
C HIS B 290 0.30 -13.98 16.45
N ILE B 291 -0.80 -14.44 17.04
CA ILE B 291 -1.38 -13.81 18.22
C ILE B 291 -1.45 -14.83 19.34
N ALA B 292 -1.30 -14.35 20.57
CA ALA B 292 -1.50 -15.15 21.77
C ALA B 292 -2.38 -14.38 22.74
N ASP B 293 -3.27 -15.12 23.43
CA ASP B 293 -4.06 -14.58 24.51
C ASP B 293 -3.13 -14.31 25.70
N LYS B 294 -3.03 -13.05 26.11
CA LYS B 294 -2.06 -12.63 27.11
C LYS B 294 -2.48 -13.13 28.50
N LYS B 295 -3.78 -13.00 28.81
CA LYS B 295 -4.27 -13.27 30.15
C LYS B 295 -4.47 -14.76 30.38
N ARG B 296 -4.92 -15.48 29.35
CA ARG B 296 -5.11 -16.92 29.44
C ARG B 296 -3.80 -17.64 29.10
N LYS B 297 -2.79 -16.89 28.66
CA LYS B 297 -1.45 -17.41 28.41
C LYS B 297 -1.52 -18.58 27.41
N LYS B 298 -2.18 -18.35 26.27
N LYS B 298 -2.16 -18.34 26.25
CA LYS B 298 -2.40 -19.41 25.29
CA LYS B 298 -2.42 -19.40 25.29
C LYS B 298 -2.16 -18.87 23.89
C LYS B 298 -2.19 -18.88 23.88
N TYR B 299 -1.50 -19.68 23.06
CA TYR B 299 -1.30 -19.38 21.65
C TYR B 299 -2.62 -19.63 20.92
N ILE B 300 -2.97 -18.71 20.00
CA ILE B 300 -4.18 -18.84 19.20
C ILE B 300 -3.78 -19.31 17.80
N ASN B 301 -4.39 -20.41 17.34
CA ASN B 301 -3.97 -21.06 16.12
C ASN B 301 -4.72 -20.45 14.94
N ASN B 302 -4.47 -19.17 14.68
CA ASN B 302 -4.95 -18.47 13.50
C ASN B 302 -3.75 -18.28 12.56
N LYS B 303 -3.84 -18.84 11.35
N LYS B 303 -3.85 -18.84 11.36
CA LYS B 303 -2.74 -18.82 10.42
CA LYS B 303 -2.75 -18.83 10.40
C LYS B 303 -2.83 -17.58 9.54
C LYS B 303 -2.81 -17.58 9.53
N TYR B 304 -2.39 -16.44 10.10
CA TYR B 304 -2.32 -15.19 9.36
C TYR B 304 -1.09 -15.20 8.47
N ARG B 305 -1.27 -14.79 7.20
CA ARG B 305 -0.21 -14.85 6.21
C ARG B 305 -0.24 -13.57 5.37
N THR B 306 0.94 -13.11 4.94
CA THR B 306 1.01 -12.03 3.96
C THR B 306 2.33 -12.10 3.20
N SER B 307 2.56 -11.09 2.34
N SER B 307 2.57 -11.08 2.36
CA SER B 307 3.72 -11.05 1.46
CA SER B 307 3.72 -11.03 1.47
C SER B 307 4.99 -10.78 2.27
C SER B 307 5.00 -10.77 2.26
N PRO B 308 6.19 -11.07 1.71
CA PRO B 308 7.44 -10.88 2.46
C PRO B 308 7.85 -9.44 2.75
N PHE B 309 8.30 -9.21 3.98
CA PHE B 309 8.92 -7.94 4.36
C PHE B 309 9.84 -8.19 5.55
N ASN B 310 10.84 -7.30 5.70
CA ASN B 310 11.59 -7.17 6.93
C ASN B 310 10.77 -6.31 7.91
N LEU B 311 10.88 -6.62 9.20
CA LEU B 311 10.28 -5.81 10.25
C LEU B 311 11.28 -5.68 11.39
N PHE B 312 11.53 -4.43 11.80
CA PHE B 312 12.31 -4.18 13.00
C PHE B 312 11.40 -3.63 14.08
N HIS B 313 10.64 -2.57 13.76
CA HIS B 313 9.92 -1.81 14.75
C HIS B 313 8.42 -1.85 14.50
N HIS B 314 7.69 -2.47 15.45
CA HIS B 314 6.28 -2.21 15.65
C HIS B 314 6.12 -0.75 16.07
N ILE B 315 5.04 -0.11 15.61
CA ILE B 315 4.71 1.25 16.02
C ILE B 315 3.82 1.17 17.27
N ASN B 316 2.68 0.49 17.11
CA ASN B 316 1.71 0.33 18.18
C ASN B 316 0.71 -0.73 17.75
N THR B 317 0.06 -1.35 18.75
CA THR B 317 -0.96 -2.36 18.52
C THR B 317 -2.15 -2.02 19.41
N TYR B 318 -3.38 -2.28 18.93
CA TYR B 318 -4.53 -2.10 19.78
C TYR B 318 -5.72 -2.91 19.29
N GLU B 319 -6.71 -3.06 20.17
CA GLU B 319 -7.91 -3.83 19.92
C GLU B 319 -9.01 -2.87 19.48
N ASP B 320 -9.76 -3.27 18.44
CA ASP B 320 -10.88 -2.50 17.92
C ASP B 320 -11.98 -3.50 17.55
N HIS B 321 -13.02 -3.51 18.38
N HIS B 321 -12.95 -3.67 18.45
CA HIS B 321 -14.03 -4.57 18.39
CA HIS B 321 -14.15 -4.48 18.18
C HIS B 321 -13.27 -5.88 18.55
C HIS B 321 -13.81 -5.85 17.59
N GLU B 322 -13.48 -6.81 17.62
N GLU B 322 -12.94 -6.62 18.24
CA GLU B 322 -12.77 -8.07 17.69
CA GLU B 322 -12.70 -8.01 17.86
C GLU B 322 -11.73 -8.10 16.59
C GLU B 322 -11.72 -8.08 16.69
N PHE B 323 -10.93 -7.03 16.50
CA PHE B 323 -9.85 -6.97 15.52
C PHE B 323 -8.62 -6.40 16.23
N LEU B 324 -7.45 -6.90 15.84
CA LEU B 324 -6.18 -6.31 16.26
C LEU B 324 -5.64 -5.42 15.15
N ILE B 325 -5.40 -4.14 15.50
CA ILE B 325 -4.78 -3.18 14.62
C ILE B 325 -3.27 -3.25 14.86
N VAL B 326 -2.50 -3.54 13.80
CA VAL B 326 -1.08 -3.79 13.92
C VAL B 326 -0.34 -2.84 12.99
N ASP B 327 0.23 -1.76 13.56
CA ASP B 327 0.95 -0.74 12.81
C ASP B 327 2.44 -1.06 12.83
N LEU B 328 3.04 -1.17 11.64
CA LEU B 328 4.40 -1.68 11.46
C LEU B 328 5.21 -0.74 10.59
N CYS B 329 6.51 -0.64 10.87
CA CYS B 329 7.49 -0.09 9.96
C CYS B 329 8.11 -1.23 9.15
N CYS B 330 7.73 -1.34 7.88
CA CYS B 330 8.08 -2.50 7.07
C CYS B 330 9.16 -2.13 6.06
N TRP B 331 9.86 -3.15 5.57
CA TRP B 331 10.76 -3.04 4.43
C TRP B 331 10.37 -4.11 3.41
N LYS B 332 9.98 -3.67 2.21
CA LYS B 332 9.36 -4.55 1.23
C LYS B 332 10.43 -5.40 0.54
N GLY B 333 10.40 -6.71 0.80
CA GLY B 333 11.38 -7.66 0.29
C GLY B 333 11.78 -8.65 1.36
N PHE B 334 12.50 -9.71 0.98
CA PHE B 334 12.95 -10.70 1.95
C PHE B 334 14.46 -10.57 2.20
N GLU B 335 15.17 -9.76 1.40
CA GLU B 335 16.57 -9.51 1.66
C GLU B 335 16.72 -8.79 3.00
N PHE B 336 17.72 -9.20 3.78
CA PHE B 336 17.95 -8.64 5.10
C PHE B 336 18.50 -7.22 4.97
N VAL B 337 17.80 -6.26 5.59
CA VAL B 337 18.13 -4.85 5.45
C VAL B 337 19.50 -4.58 6.05
N TYR B 338 19.92 -5.39 7.02
CA TYR B 338 21.19 -5.18 7.72
C TYR B 338 22.37 -5.32 6.76
N ASN B 339 22.17 -5.99 5.62
CA ASN B 339 23.19 -6.09 4.59
C ASN B 339 23.67 -4.72 4.13
N TYR B 340 22.82 -3.69 4.27
CA TYR B 340 23.12 -2.36 3.75
C TYR B 340 23.68 -1.46 4.82
N LEU B 341 24.03 -2.01 6.00
CA LEU B 341 24.39 -1.19 7.15
C LEU B 341 25.82 -1.48 7.62
N TYR B 342 26.72 -1.86 6.71
CA TYR B 342 28.14 -1.94 7.02
C TYR B 342 28.71 -0.51 7.02
N LEU B 343 29.66 -0.26 7.94
CA LEU B 343 30.17 1.08 8.17
C LEU B 343 30.87 1.62 6.93
N ALA B 344 31.54 0.74 6.17
CA ALA B 344 32.22 1.12 4.94
C ALA B 344 31.22 1.77 3.97
N ASN B 345 29.99 1.25 3.94
CA ASN B 345 28.97 1.72 3.02
C ASN B 345 28.35 3.01 3.53
N LEU B 346 28.13 3.11 4.85
CA LEU B 346 27.51 4.29 5.44
C LEU B 346 28.48 5.47 5.47
N ARG B 347 29.79 5.20 5.28
CA ARG B 347 30.80 6.24 5.31
C ARG B 347 31.14 6.76 3.92
N GLU B 348 30.57 6.16 2.86
CA GLU B 348 30.85 6.58 1.50
C GLU B 348 30.29 7.97 1.25
N ASN B 349 30.69 8.57 0.12
CA ASN B 349 30.17 9.86 -0.30
C ASN B 349 28.72 9.69 -0.76
N TRP B 350 28.00 10.81 -0.83
CA TRP B 350 26.55 10.81 -0.93
C TRP B 350 26.07 10.05 -2.17
N GLU B 351 26.70 10.32 -3.32
CA GLU B 351 26.30 9.71 -4.57
C GLU B 351 26.45 8.18 -4.49
N GLU B 352 27.44 7.71 -3.74
CA GLU B 352 27.69 6.29 -3.58
C GLU B 352 26.68 5.68 -2.61
N VAL B 353 26.31 6.45 -1.57
CA VAL B 353 25.33 6.02 -0.60
C VAL B 353 23.98 5.77 -1.29
N LYS B 354 23.59 6.71 -2.17
CA LYS B 354 22.35 6.57 -2.90
C LYS B 354 22.40 5.35 -3.83
N LYS B 355 23.52 5.17 -4.52
CA LYS B 355 23.66 4.07 -5.47
C LYS B 355 23.55 2.74 -4.74
N ASN B 356 24.13 2.66 -3.53
CA ASN B 356 24.14 1.44 -2.74
C ASN B 356 22.72 1.01 -2.37
N ALA B 357 21.80 1.97 -2.23
CA ALA B 357 20.46 1.68 -1.73
C ALA B 357 19.48 1.37 -2.87
N ARG B 358 19.94 1.37 -4.13
CA ARG B 358 19.05 1.29 -5.29
C ARG B 358 18.27 -0.02 -5.29
N LYS B 359 18.89 -1.12 -4.86
CA LYS B 359 18.25 -2.43 -4.93
C LYS B 359 17.82 -2.91 -3.54
N ALA B 360 17.85 -2.02 -2.54
CA ALA B 360 17.45 -2.39 -1.19
C ALA B 360 15.93 -2.52 -1.10
N PRO B 361 15.42 -3.26 -0.09
CA PRO B 361 13.98 -3.22 0.23
C PRO B 361 13.51 -1.78 0.43
N GLN B 362 12.26 -1.52 0.03
CA GLN B 362 11.65 -0.20 0.13
C GLN B 362 10.92 -0.08 1.47
N PRO B 363 11.15 1.00 2.25
CA PRO B 363 10.47 1.18 3.53
C PRO B 363 9.02 1.62 3.31
N GLU B 364 8.13 1.16 4.20
CA GLU B 364 6.72 1.49 4.11
C GLU B 364 6.06 1.26 5.48
N VAL B 365 5.33 2.27 5.97
CA VAL B 365 4.51 2.11 7.16
C VAL B 365 3.20 1.45 6.73
N ARG B 366 2.86 0.34 7.38
CA ARG B 366 1.69 -0.45 7.02
C ARG B 366 0.84 -0.73 8.26
N ARG B 367 -0.48 -0.67 8.07
CA ARG B 367 -1.44 -1.10 9.06
C ARG B 367 -2.04 -2.44 8.62
N TYR B 368 -1.83 -3.47 9.44
CA TYR B 368 -2.49 -4.75 9.25
C TYR B 368 -3.65 -4.84 10.25
N VAL B 369 -4.71 -5.53 9.85
CA VAL B 369 -5.87 -5.74 10.71
C VAL B 369 -6.14 -7.24 10.78
N LEU B 370 -6.04 -7.79 11.99
CA LEU B 370 -6.14 -9.23 12.23
C LEU B 370 -7.51 -9.53 12.85
N PRO B 371 -8.42 -10.25 12.15
CA PRO B 371 -9.68 -10.67 12.77
C PRO B 371 -9.43 -11.74 13.83
N LEU B 372 -10.11 -11.60 14.97
CA LEU B 372 -10.05 -12.58 16.05
C LEU B 372 -11.15 -13.63 15.87
N ASN B 373 -12.27 -13.23 15.28
CA ASN B 373 -13.39 -14.14 15.05
C ASN B 373 -13.39 -14.64 13.62
N ILE B 374 -12.99 -15.90 13.43
CA ILE B 374 -12.94 -16.54 12.12
C ILE B 374 -14.16 -17.45 11.97
N ASP B 375 -15.11 -17.04 11.11
CA ASP B 375 -16.28 -17.84 10.81
C ASP B 375 -16.12 -18.52 9.45
N LYS B 376 -16.24 -19.85 9.45
CA LYS B 376 -16.11 -20.67 8.25
C LYS B 376 -17.07 -20.22 7.15
N ALA B 377 -18.25 -19.73 7.55
CA ALA B 377 -19.27 -19.28 6.61
C ALA B 377 -18.76 -18.15 5.73
N ASP B 378 -17.71 -17.44 6.17
CA ASP B 378 -17.17 -16.31 5.43
C ASP B 378 -15.93 -16.73 4.62
N THR B 379 -15.72 -18.03 4.43
CA THR B 379 -14.60 -18.50 3.61
C THR B 379 -14.66 -17.80 2.25
N GLY B 380 -13.52 -17.26 1.82
CA GLY B 380 -13.38 -16.66 0.50
C GLY B 380 -13.63 -15.15 0.52
N LYS B 381 -13.99 -14.60 1.69
CA LYS B 381 -14.38 -13.21 1.79
C LYS B 381 -13.44 -12.43 2.70
N ASN B 382 -13.53 -11.09 2.59
CA ASN B 382 -12.82 -10.15 3.43
C ASN B 382 -13.52 -10.10 4.79
N LEU B 383 -12.77 -10.39 5.87
CA LEU B 383 -13.34 -10.44 7.21
C LEU B 383 -13.25 -9.09 7.92
N VAL B 384 -12.52 -8.13 7.34
CA VAL B 384 -12.30 -6.86 8.01
C VAL B 384 -13.48 -5.94 7.72
N THR B 385 -14.46 -5.94 8.64
CA THR B 385 -15.71 -5.22 8.46
C THR B 385 -15.62 -3.83 9.10
N LEU B 386 -14.44 -3.46 9.63
CA LEU B 386 -14.25 -2.15 10.22
C LEU B 386 -14.50 -1.07 9.18
N PRO B 387 -15.07 0.09 9.57
CA PRO B 387 -15.46 1.13 8.61
C PRO B 387 -14.39 2.14 8.18
N ASN B 388 -13.22 2.11 8.83
CA ASN B 388 -12.25 3.18 8.79
CA ASN B 388 -12.28 3.21 8.67
C ASN B 388 -10.91 2.67 8.24
N THR B 389 -10.91 1.53 7.55
CA THR B 389 -9.67 0.97 7.05
C THR B 389 -9.88 0.32 5.68
N THR B 390 -8.80 0.24 4.90
CA THR B 390 -8.78 -0.46 3.63
C THR B 390 -7.98 -1.77 3.74
N ALA B 391 -7.50 -2.08 4.95
CA ALA B 391 -6.87 -3.37 5.20
C ALA B 391 -7.90 -4.49 5.02
N THR B 392 -7.44 -5.65 4.54
CA THR B 392 -8.31 -6.79 4.31
C THR B 392 -7.69 -8.05 4.90
N ALA B 393 -8.54 -9.06 5.08
CA ALA B 393 -8.13 -10.36 5.59
C ALA B 393 -9.04 -11.43 4.98
N ILE B 394 -8.48 -12.24 4.08
CA ILE B 394 -9.26 -13.23 3.34
C ILE B 394 -9.08 -14.60 4.00
N LEU B 395 -10.20 -15.19 4.41
CA LEU B 395 -10.21 -16.56 4.90
C LEU B 395 -10.21 -17.51 3.72
N CYS B 396 -9.16 -18.33 3.62
CA CYS B 396 -9.01 -19.30 2.56
C CYS B 396 -9.53 -20.67 3.03
N SER B 397 -9.65 -21.60 2.08
N SER B 397 -9.66 -21.60 2.08
CA SER B 397 -10.21 -22.92 2.36
CA SER B 397 -10.21 -22.92 2.34
C SER B 397 -9.26 -23.76 3.21
C SER B 397 -9.27 -23.74 3.23
N ASP B 398 -7.95 -23.52 3.05
CA ASP B 398 -6.94 -24.19 3.86
C ASP B 398 -6.85 -23.56 5.25
N GLU B 399 -7.66 -22.53 5.51
CA GLU B 399 -7.83 -21.93 6.83
C GLU B 399 -6.76 -20.88 7.11
N THR B 400 -5.87 -20.62 6.14
CA THR B 400 -4.98 -19.48 6.25
C THR B 400 -5.79 -18.20 6.03
N ILE B 401 -5.43 -17.14 6.75
CA ILE B 401 -6.03 -15.83 6.59
C ILE B 401 -5.01 -14.93 5.89
N TRP B 402 -5.27 -14.58 4.63
CA TRP B 402 -4.35 -13.76 3.86
C TRP B 402 -4.62 -12.28 4.10
N LEU B 403 -3.59 -11.53 4.50
CA LEU B 403 -3.72 -10.14 4.90
C LEU B 403 -3.20 -9.23 3.80
N GLU B 404 -3.90 -8.10 3.59
CA GLU B 404 -3.40 -6.98 2.82
C GLU B 404 -3.41 -5.76 3.71
N PRO B 405 -2.36 -4.91 3.68
CA PRO B 405 -2.29 -3.75 4.56
C PRO B 405 -2.97 -2.51 4.01
N GLU B 406 -3.27 -1.58 4.91
CA GLU B 406 -3.47 -0.19 4.59
C GLU B 406 -2.14 0.53 4.74
N VAL B 407 -1.67 1.19 3.67
CA VAL B 407 -0.41 1.91 3.71
C VAL B 407 -0.63 3.28 4.32
N LEU B 408 0.16 3.61 5.35
CA LEU B 408 0.00 4.86 6.07
C LEU B 408 1.02 5.89 5.59
N PHE B 409 2.19 5.42 5.15
CA PHE B 409 3.27 6.29 4.71
C PHE B 409 4.20 5.52 3.78
N SER B 410 4.58 6.14 2.66
CA SER B 410 5.43 5.50 1.67
C SER B 410 6.19 6.57 0.88
N GLY B 411 7.52 6.57 1.00
CA GLY B 411 8.37 7.50 0.28
C GLY B 411 9.57 6.77 -0.34
N PRO B 412 9.98 7.11 -1.58
CA PRO B 412 11.06 6.38 -2.26
C PRO B 412 12.39 6.42 -1.51
N ARG B 413 12.75 5.29 -0.91
CA ARG B 413 13.96 5.16 -0.10
C ARG B 413 13.97 6.20 1.03
N GLN B 414 12.76 6.58 1.49
CA GLN B 414 12.58 7.49 2.60
C GLN B 414 11.80 6.77 3.69
N ALA B 415 12.50 6.24 4.70
CA ALA B 415 11.88 5.44 5.74
C ALA B 415 11.36 6.35 6.86
N PHE B 416 10.13 6.08 7.30
CA PHE B 416 9.68 6.48 8.63
C PHE B 416 10.07 5.35 9.57
N GLU B 417 11.14 5.56 10.35
CA GLU B 417 11.71 4.51 11.19
C GLU B 417 11.88 5.00 12.62
N PHE B 418 12.36 4.10 13.49
CA PHE B 418 12.55 4.38 14.90
C PHE B 418 11.30 5.03 15.45
N PRO B 419 10.12 4.37 15.32
CA PRO B 419 8.84 4.97 15.70
C PRO B 419 8.68 5.11 17.20
N GLN B 420 8.05 6.20 17.62
CA GLN B 420 7.73 6.47 19.01
C GLN B 420 6.31 7.02 19.10
N ILE B 421 5.63 6.75 20.21
CA ILE B 421 4.31 7.28 20.49
C ILE B 421 4.31 7.85 21.90
N ASN B 422 3.16 8.40 22.31
CA ASN B 422 2.89 8.70 23.71
C ASN B 422 2.60 7.36 24.41
N TYR B 423 3.68 6.65 24.77
CA TYR B 423 3.62 5.24 25.08
C TYR B 423 2.88 4.99 26.40
N GLN B 424 3.14 5.83 27.40
CA GLN B 424 2.62 5.61 28.74
C GLN B 424 1.10 5.61 28.75
N LYS B 425 0.48 6.45 27.91
N LYS B 425 0.49 6.46 27.90
CA LYS B 425 -0.96 6.63 27.93
CA LYS B 425 -0.96 6.66 27.91
C LYS B 425 -1.65 5.93 26.75
C LYS B 425 -1.65 5.94 26.75
N TYR B 426 -0.94 5.75 25.62
CA TYR B 426 -1.56 5.22 24.41
C TYR B 426 -0.93 3.92 23.92
N GLY B 427 0.12 3.44 24.60
CA GLY B 427 0.71 2.16 24.25
C GLY B 427 -0.29 1.03 24.43
N GLY B 428 -0.53 0.27 23.35
CA GLY B 428 -1.44 -0.87 23.39
C GLY B 428 -2.90 -0.45 23.26
N LYS B 429 -3.14 0.83 22.93
CA LYS B 429 -4.49 1.38 22.95
C LYS B 429 -4.74 2.18 21.67
N PRO B 430 -6.02 2.44 21.31
CA PRO B 430 -6.34 3.35 20.19
C PRO B 430 -5.53 4.64 20.27
N TYR B 431 -4.96 5.06 19.14
CA TYR B 431 -4.07 6.21 19.12
C TYR B 431 -4.15 6.89 17.76
N THR B 432 -3.50 8.05 17.66
CA THR B 432 -3.59 8.91 16.48
C THR B 432 -2.21 9.25 15.93
N TYR B 433 -1.20 9.39 16.79
CA TYR B 433 0.05 10.02 16.40
C TYR B 433 1.25 9.12 16.65
N ALA B 434 2.15 9.09 15.66
CA ALA B 434 3.45 8.48 15.81
C ALA B 434 4.52 9.46 15.36
N TYR B 435 5.70 9.35 15.99
CA TYR B 435 6.86 10.17 15.65
C TYR B 435 7.95 9.23 15.16
N GLY B 436 8.78 9.71 14.24
CA GLY B 436 9.76 8.84 13.60
C GLY B 436 11.01 9.60 13.16
N LEU B 437 12.07 8.82 12.96
CA LEU B 437 13.28 9.30 12.32
C LEU B 437 13.18 9.00 10.82
N GLY B 438 13.41 10.01 10.00
CA GLY B 438 13.35 9.86 8.55
C GLY B 438 14.71 9.47 8.00
N LEU B 439 14.77 8.31 7.32
CA LEU B 439 16.00 7.79 6.75
C LEU B 439 16.00 8.04 5.24
N ASN B 440 17.02 8.76 4.78
CA ASN B 440 17.23 9.09 3.37
C ASN B 440 18.33 8.19 2.83
N HIS B 441 17.94 7.12 2.12
CA HIS B 441 18.86 6.08 1.69
C HIS B 441 19.68 5.56 2.88
N PHE B 442 18.98 5.38 4.01
CA PHE B 442 19.52 4.83 5.26
C PHE B 442 20.21 5.92 6.10
N VAL B 443 20.33 7.14 5.59
CA VAL B 443 20.95 8.24 6.33
C VAL B 443 19.87 9.03 7.06
N PRO B 444 19.92 9.14 8.41
CA PRO B 444 18.92 9.90 9.15
C PRO B 444 19.11 11.40 8.92
N ASP B 445 18.08 12.06 8.37
CA ASP B 445 18.22 13.46 7.99
C ASP B 445 16.99 14.33 8.27
N ARG B 446 16.00 13.80 9.01
N ARG B 446 16.01 13.81 9.02
CA ARG B 446 14.80 14.56 9.32
CA ARG B 446 14.78 14.54 9.29
C ARG B 446 14.01 13.86 10.41
C ARG B 446 14.02 13.86 10.42
N LEU B 447 13.11 14.61 11.04
CA LEU B 447 12.18 14.08 12.03
C LEU B 447 10.77 14.20 11.48
N CYS B 448 9.92 13.21 11.78
CA CYS B 448 8.61 13.10 11.18
C CYS B 448 7.54 12.85 12.24
N LYS B 449 6.33 13.35 11.97
CA LYS B 449 5.15 13.03 12.75
C LYS B 449 4.08 12.54 11.78
N LEU B 450 3.38 11.47 12.17
CA LEU B 450 2.36 10.85 11.33
C LEU B 450 1.06 10.74 12.11
N ASN B 451 -0.01 11.30 11.52
CA ASN B 451 -1.37 11.01 11.96
C ASN B 451 -1.80 9.72 11.26
N VAL B 452 -1.95 8.64 12.03
CA VAL B 452 -2.19 7.32 11.47
C VAL B 452 -3.65 7.17 11.02
N LYS B 453 -4.51 8.14 11.35
CA LYS B 453 -5.91 8.12 10.93
C LYS B 453 -6.09 8.88 9.60
N THR B 454 -5.48 10.06 9.46
CA THR B 454 -5.67 10.91 8.31
C THR B 454 -4.49 10.79 7.34
N LYS B 455 -3.34 10.31 7.83
CA LYS B 455 -2.12 10.15 7.05
C LYS B 455 -1.43 11.48 6.81
N GLU B 456 -1.87 12.54 7.49
CA GLU B 456 -1.17 13.82 7.45
C GLU B 456 0.20 13.64 8.11
N THR B 457 1.21 14.33 7.57
CA THR B 457 2.55 14.28 8.14
C THR B 457 3.02 15.70 8.43
N TRP B 458 3.98 15.78 9.36
CA TRP B 458 4.76 16.98 9.63
C TRP B 458 6.24 16.59 9.55
N VAL B 459 7.09 17.56 9.22
CA VAL B 459 8.51 17.30 9.07
C VAL B 459 9.30 18.44 9.70
N TRP B 460 10.39 18.07 10.38
CA TRP B 460 11.45 19.00 10.73
C TRP B 460 12.73 18.56 10.03
N GLN B 461 13.42 19.52 9.41
CA GLN B 461 14.63 19.23 8.66
C GLN B 461 15.47 20.50 8.54
N GLU B 462 16.78 20.35 8.81
CA GLU B 462 17.76 21.38 8.51
C GLU B 462 18.91 20.77 7.73
N PRO B 463 19.47 21.50 6.72
CA PRO B 463 20.61 20.99 5.96
C PRO B 463 21.80 20.68 6.84
N ASP B 464 22.48 19.57 6.53
N ASP B 464 22.54 19.61 6.49
CA ASP B 464 23.73 19.18 7.18
CA ASP B 464 23.74 19.19 7.21
C ASP B 464 23.48 18.86 8.65
C ASP B 464 23.43 18.98 8.69
N SER B 465 22.26 18.42 8.97
CA SER B 465 21.88 18.06 10.34
C SER B 465 21.26 16.66 10.34
N TYR B 466 21.83 15.76 11.15
CA TYR B 466 21.47 14.36 11.14
C TYR B 466 20.93 13.98 12.52
N PRO B 467 19.59 13.89 12.69
CA PRO B 467 18.99 13.61 14.00
C PRO B 467 18.90 12.14 14.38
N SER B 468 18.46 11.88 15.62
CA SER B 468 18.27 10.55 16.15
C SER B 468 16.78 10.29 16.36
N GLU B 469 16.45 9.05 16.77
CA GLU B 469 15.11 8.68 17.17
C GLU B 469 14.52 9.80 18.05
N PRO B 470 13.29 10.28 17.75
CA PRO B 470 12.63 11.26 18.61
C PRO B 470 11.95 10.53 19.76
N ILE B 471 12.07 11.05 20.98
CA ILE B 471 11.38 10.46 22.13
C ILE B 471 10.38 11.49 22.66
N PHE B 472 9.13 11.03 22.86
CA PHE B 472 8.03 11.90 23.25
C PHE B 472 7.98 12.02 24.76
N VAL B 473 7.82 13.26 25.25
CA VAL B 473 7.59 13.52 26.66
C VAL B 473 6.34 14.37 26.80
N SER B 474 5.36 13.86 27.56
CA SER B 474 4.10 14.55 27.75
C SER B 474 4.27 15.74 28.69
N HIS B 475 3.51 16.80 28.39
CA HIS B 475 3.28 17.92 29.28
C HIS B 475 2.48 17.41 30.49
N PRO B 476 2.86 17.76 31.73
CA PRO B 476 2.19 17.23 32.92
C PRO B 476 0.69 17.51 33.03
N ASP B 477 0.22 18.54 32.33
CA ASP B 477 -1.19 18.90 32.33
C ASP B 477 -1.78 18.66 30.94
N ALA B 478 -1.30 17.61 30.25
CA ALA B 478 -1.73 17.31 28.89
C ALA B 478 -3.19 16.87 28.86
N LEU B 479 -3.93 17.37 27.88
CA LEU B 479 -5.29 16.93 27.62
C LEU B 479 -5.33 16.04 26.38
N GLU B 480 -4.58 16.43 25.34
N GLU B 480 -4.55 16.42 25.36
CA GLU B 480 -4.53 15.70 24.09
CA GLU B 480 -4.52 15.72 24.09
C GLU B 480 -3.39 14.69 24.11
C GLU B 480 -3.29 14.82 24.00
N GLU B 481 -3.35 13.85 23.07
CA GLU B 481 -2.34 12.82 22.91
C GLU B 481 -0.96 13.40 22.61
N ASP B 482 -0.93 14.54 21.90
CA ASP B 482 0.31 15.12 21.40
C ASP B 482 0.61 16.44 22.10
N ASP B 483 0.15 16.59 23.34
CA ASP B 483 0.51 17.72 24.18
C ASP B 483 1.83 17.41 24.88
N GLY B 484 2.93 17.84 24.27
CA GLY B 484 4.25 17.64 24.84
C GLY B 484 5.35 18.03 23.86
N VAL B 485 6.52 17.42 24.04
CA VAL B 485 7.67 17.68 23.19
C VAL B 485 8.25 16.35 22.74
N VAL B 486 9.08 16.39 21.68
CA VAL B 486 9.93 15.28 21.33
C VAL B 486 11.38 15.75 21.45
N LEU B 487 12.24 14.84 21.90
CA LEU B 487 13.67 15.09 22.08
C LEU B 487 14.45 14.26 21.06
N SER B 488 15.41 14.90 20.38
CA SER B 488 16.28 14.22 19.44
C SER B 488 17.70 14.76 19.57
N VAL B 489 18.69 13.87 19.43
CA VAL B 489 20.09 14.24 19.44
C VAL B 489 20.55 14.41 18.00
N VAL B 490 21.06 15.60 17.66
CA VAL B 490 21.37 15.98 16.29
C VAL B 490 22.88 16.22 16.13
N VAL B 491 23.44 15.65 15.06
CA VAL B 491 24.80 15.92 14.64
C VAL B 491 24.77 16.94 13.51
N SER B 492 25.61 17.99 13.63
CA SER B 492 25.64 19.06 12.65
C SER B 492 27.08 19.56 12.46
N PRO B 493 27.96 18.78 11.80
CA PRO B 493 29.40 19.07 11.80
C PRO B 493 29.89 20.20 10.89
N GLY B 494 29.00 20.82 10.12
CA GLY B 494 29.36 21.93 9.26
C GLY B 494 30.20 22.98 9.99
N ALA B 495 31.29 23.42 9.35
CA ALA B 495 32.20 24.39 9.94
C ALA B 495 31.49 25.73 10.15
N GLY B 496 31.76 26.36 11.29
CA GLY B 496 31.03 27.54 11.71
C GLY B 496 29.73 27.18 12.43
N GLN B 497 29.69 25.98 13.03
CA GLN B 497 28.54 25.50 13.78
C GLN B 497 29.02 24.64 14.94
N LYS B 498 28.19 24.53 15.98
CA LYS B 498 28.43 23.60 17.06
C LYS B 498 28.23 22.18 16.53
N PRO B 499 29.14 21.23 16.82
CA PRO B 499 29.10 19.91 16.17
C PRO B 499 27.92 18.99 16.49
N ALA B 500 27.19 19.27 17.57
CA ALA B 500 26.04 18.46 17.95
C ALA B 500 25.15 19.23 18.93
N TYR B 501 23.89 18.80 19.04
CA TYR B 501 22.96 19.45 19.95
C TYR B 501 21.76 18.55 20.24
N LEU B 502 21.13 18.80 21.39
CA LEU B 502 19.86 18.23 21.76
C LEU B 502 18.76 19.13 21.20
N LEU B 503 17.87 18.54 20.39
CA LEU B 503 16.78 19.28 19.77
C LEU B 503 15.50 19.02 20.55
N ILE B 504 14.75 20.08 20.84
CA ILE B 504 13.43 19.97 21.43
C ILE B 504 12.42 20.55 20.45
N LEU B 505 11.46 19.71 20.02
CA LEU B 505 10.39 20.13 19.14
C LEU B 505 9.06 20.06 19.89
N ASN B 506 8.14 20.96 19.54
CA ASN B 506 6.76 20.86 19.99
C ASN B 506 6.12 19.69 19.25
N ALA B 507 5.48 18.80 20.03
CA ALA B 507 4.92 17.58 19.48
C ALA B 507 3.70 17.86 18.61
N LYS B 508 3.07 19.03 18.77
CA LYS B 508 1.90 19.40 17.99
C LYS B 508 2.21 19.48 16.50
N ASP B 509 3.28 20.21 16.15
CA ASP B 509 3.55 20.55 14.76
C ASP B 509 5.03 20.37 14.40
N LEU B 510 5.82 19.77 15.31
CA LEU B 510 7.26 19.62 15.15
C LEU B 510 7.95 20.97 14.91
N SER B 511 7.42 22.04 15.48
CA SER B 511 8.10 23.33 15.46
C SER B 511 9.17 23.36 16.55
N GLU B 512 10.28 24.02 16.26
CA GLU B 512 11.44 24.01 17.14
C GLU B 512 11.14 24.85 18.38
N VAL B 513 11.49 24.31 19.55
CA VAL B 513 11.25 24.95 20.83
C VAL B 513 12.58 25.39 21.45
N ALA B 514 13.62 24.56 21.32
CA ALA B 514 14.92 24.88 21.89
C ALA B 514 15.99 23.94 21.32
N ARG B 515 17.26 24.34 21.53
CA ARG B 515 18.40 23.46 21.34
C ARG B 515 19.32 23.59 22.55
N ALA B 516 20.00 22.49 22.88
CA ALA B 516 21.08 22.50 23.85
C ALA B 516 22.36 22.04 23.16
N GLU B 517 23.23 23.01 22.82
CA GLU B 517 24.38 22.78 21.98
C GLU B 517 25.58 22.36 22.82
N VAL B 518 26.37 21.43 22.29
CA VAL B 518 27.63 21.03 22.88
C VAL B 518 28.74 21.22 21.84
N GLU B 519 29.99 21.24 22.31
CA GLU B 519 31.12 21.56 21.45
C GLU B 519 31.94 20.29 21.16
N ILE B 520 31.28 19.13 21.22
CA ILE B 520 31.91 17.86 20.90
C ILE B 520 30.97 17.05 20.00
N ASN B 521 31.55 16.08 19.28
CA ASN B 521 30.77 15.22 18.41
C ASN B 521 29.99 14.22 19.26
N ILE B 522 28.84 13.78 18.74
CA ILE B 522 28.08 12.69 19.32
C ILE B 522 27.82 11.68 18.20
N PRO B 523 28.26 10.40 18.34
CA PRO B 523 27.98 9.40 17.32
C PRO B 523 26.52 8.95 17.36
N VAL B 524 26.16 8.08 16.41
CA VAL B 524 24.80 7.60 16.25
C VAL B 524 24.34 6.93 17.55
N THR B 525 23.07 7.17 17.91
CA THR B 525 22.40 6.40 18.95
C THR B 525 21.15 5.75 18.35
N PHE B 526 20.76 4.61 18.92
CA PHE B 526 19.64 3.84 18.41
C PHE B 526 18.39 4.16 19.21
N HIS B 527 18.36 3.72 20.48
CA HIS B 527 17.16 3.82 21.30
C HIS B 527 17.50 4.38 22.68
N GLY B 528 16.46 4.71 23.43
CA GLY B 528 16.62 5.25 24.78
C GLY B 528 15.28 5.53 25.43
N LEU B 529 15.32 6.34 26.49
CA LEU B 529 14.12 6.68 27.24
C LEU B 529 14.33 8.03 27.94
N PHE B 530 13.21 8.63 28.36
CA PHE B 530 13.25 9.79 29.23
C PHE B 530 12.84 9.36 30.63
N LYS B 531 13.75 9.55 31.58
CA LYS B 531 13.53 9.22 32.98
C LYS B 531 13.15 10.51 33.73
N LYS B 532 11.88 10.60 34.15
CA LYS B 532 11.38 11.77 34.84
C LYS B 532 11.89 11.76 36.28
N SER B 533 12.23 12.94 36.80
CA SER B 533 12.66 13.11 38.18
C SER B 533 11.94 14.30 38.80
FE FE2 C . -15.16 -1.10 -17.99
C1 PLM D . -17.90 -1.99 -17.19
O1 PLM D . -18.78 -2.86 -17.41
O2 PLM D . -16.98 -1.74 -17.99
C2 PLM D . -17.94 -1.23 -15.89
C3 PLM D . -18.04 -2.10 -14.68
C4 PLM D . -16.77 -2.89 -14.42
C5 PLM D . -16.44 -3.03 -12.96
C6 PLM D . -15.84 -1.79 -12.34
C7 PLM D . -15.78 -1.82 -10.83
C8 PLM D . -17.11 -2.01 -10.15
C9 PLM D . -18.20 -1.14 -10.70
CA PLM D . -19.35 -0.91 -9.76
CB PLM D . -20.37 0.05 -10.32
CC PLM D . -21.67 0.08 -9.57
CD PLM D . -22.72 0.98 -10.16
CE PLM D . -22.20 2.31 -10.67
CF PLM D . -21.73 2.31 -12.11
CG PLM D . -21.33 3.66 -12.60
C11 A1BEO E . -20.13 -11.21 -20.07
C13 A1BEO E . -18.62 -12.88 -20.90
C15 A1BEO E . -17.44 -13.71 -20.45
C16 A1BEO E . -17.79 -15.20 -20.41
C17 A1BEO E . -18.44 -15.63 -19.10
C18 A1BEO E . -16.27 -13.38 -21.41
N1 A1BEO E . -18.96 -5.14 -18.36
C2 A1BEO E . -19.79 -6.03 -17.52
C3 A1BEO E . -19.84 -7.44 -18.08
C4 A1BEO E . -20.77 -7.55 -19.28
O5 A1BEO E . -20.28 -6.71 -20.32
C6 A1BEO E . -20.95 -8.96 -19.78
C7 A1BEO E . -22.15 -9.35 -20.40
C8 A1BEO E . -22.31 -10.65 -20.85
C9 A1BEO E . -21.31 -11.59 -20.69
C10 A1BEO E . -19.95 -9.91 -19.63
O12 A1BEO E . -19.05 -12.11 -19.88
O14 A1BEO E . -19.13 -12.91 -21.98
C19 A1BEO E . -14.98 -13.03 -20.71
FE FE2 F . 15.23 -1.13 17.39
C1 PLM G . 18.05 -1.08 16.57
O1 PLM G . 19.12 -1.70 16.73
O2 PLM G . 17.04 -1.23 17.28
C2 PLM G . 17.96 -0.09 15.42
C3 PLM G . 18.22 -0.70 14.07
C4 PLM G . 17.09 -1.60 13.62
C5 PLM G . 16.81 -1.50 12.14
C6 PLM G . 15.97 -0.32 11.76
C7 PLM G . 15.91 -0.04 10.29
C8 PLM G . 17.24 0.30 9.66
C9 PLM G . 18.04 1.30 10.44
CA PLM G . 19.11 1.99 9.64
CB PLM G . 19.82 3.05 10.44
CC PLM G . 21.02 3.65 9.75
CD PLM G . 21.84 4.57 10.63
CE PLM G . 21.02 5.54 11.45
CF PLM G . 20.59 5.02 12.80
CG PLM G . 19.95 6.07 13.68
C11 A1BEO H . 22.80 -9.88 17.32
C13 A1BEO H . 21.80 -12.05 17.63
C15 A1BEO H . 20.89 -13.01 16.91
C16 A1BEO H . 21.51 -14.42 16.79
C17 A1BEO H . 22.25 -14.66 15.50
C18 A1BEO H . 19.52 -12.97 17.61
N1 A1BEO H . 19.95 -4.15 16.88
C2 A1BEO H . 21.13 -4.51 16.06
C3 A1BEO H . 21.53 -5.94 16.26
C4 A1BEO H . 22.48 -6.10 17.44
O5 A1BEO H . 21.82 -5.69 18.63
C6 A1BEO H . 23.03 -7.51 17.60
C7 A1BEO H . 24.27 -7.72 18.19
C8 A1BEO H . 24.76 -9.00 18.34
C9 A1BEO H . 24.03 -10.09 17.91
C10 A1BEO H . 22.29 -8.60 17.16
O12 A1BEO H . 22.00 -10.95 16.86
O14 A1BEO H . 22.28 -12.20 18.71
C19 A1BEO H . 19.47 -13.69 18.95
#